data_7BXQ
#
_entry.id   7BXQ
#
_cell.length_a   58.708
_cell.length_b   101.657
_cell.length_c   69.854
_cell.angle_alpha   90.000
_cell.angle_beta   112.990
_cell.angle_gamma   90.000
#
_symmetry.space_group_name_H-M   'P 1 21 1'
#
loop_
_entity.id
_entity.type
_entity.pdbx_description
1 polymer '2-amino-3-ketobutyrate coenzyme A ligase'
2 non-polymer N-({3-hydroxy-2-methyl-5-[(phosphonooxy)methyl]pyridin-4-yl}methyl)-L-allothreonine
3 water water
#
_entity_poly.entity_id   1
_entity_poly.type   'polypeptide(L)'
_entity_poly.pdbx_seq_one_letter_code
;MGHMMSNAEAFYASIRTELESIRAAGLFKNERVIATPQGARVRTTDGREVINLCANNYLGLSSHPQVIEAAHEALRTHGF
GLSSVRFICGTQDLHKTLEARLSAFLGTEDTILYGSAFDANGGLFETLLGAEDAVISDALNHASIIDGVRLSKARRYRYQ
HNDMDDLRVQLEQARADGARYTLVFSDGVFSMDGTVARLDEMRAICDEYGALLGIDECHATGFMGQRGRGTHEARGVFGK
IDIITGTLGAALGGASGGFTSARKEVVALLRQRSRPYLFSNTVAPAIVGASIAVLDILEASTELRDRLEGNTRFFRAGLD
RLGFDVKAGDHPIIPIMVYDADKAQQLAQRLLELGVYVVGFFYPVVPKGQARIRVQMSALHDEAALQAALDAFGQAGREL
GLILEHHHHHH
;
_entity_poly.pdbx_strand_id   A,B
#
# COMPACT_ATOMS: atom_id res chain seq x y z
N MET A 5 9.09 26.35 27.14
CA MET A 5 8.64 25.29 26.24
C MET A 5 8.97 25.58 24.77
N SER A 6 9.59 24.61 24.10
CA SER A 6 9.75 24.68 22.66
C SER A 6 8.50 24.15 21.97
N ASN A 7 8.24 24.64 20.75
CA ASN A 7 7.05 24.20 20.03
C ASN A 7 7.08 22.71 19.79
N ALA A 8 8.24 22.17 19.39
CA ALA A 8 8.38 20.74 19.13
C ALA A 8 7.99 19.91 20.34
N GLU A 9 8.57 20.19 21.51
CA GLU A 9 8.24 19.42 22.70
C GLU A 9 6.78 19.65 23.10
N ALA A 10 6.31 20.88 22.95
CA ALA A 10 4.89 21.14 23.13
C ALA A 10 4.05 20.22 22.25
N PHE A 11 4.44 20.06 20.97
CA PHE A 11 3.72 19.16 20.09
C PHE A 11 3.67 17.75 20.66
N TYR A 12 4.79 17.27 21.23
CA TYR A 12 4.81 15.95 21.86
C TYR A 12 3.91 15.86 23.09
N ALA A 13 3.63 16.99 23.76
CA ALA A 13 2.69 16.96 24.88
C ALA A 13 1.25 16.86 24.40
N SER A 14 0.89 17.59 23.33
CA SER A 14 -0.43 17.41 22.76
C SER A 14 -0.61 16.00 22.22
N ILE A 15 0.47 15.39 21.69
CA ILE A 15 0.38 13.97 21.33
C ILE A 15 0.16 13.12 22.57
N ARG A 16 0.93 13.36 23.64
CA ARG A 16 0.74 12.54 24.83
C ARG A 16 -0.64 12.79 25.45
N THR A 17 -1.12 14.03 25.38
CA THR A 17 -2.46 14.32 25.89
C THR A 17 -3.51 13.53 25.11
N GLU A 18 -3.40 13.53 23.77
CA GLU A 18 -4.35 12.80 22.95
C GLU A 18 -4.33 11.31 23.27
N LEU A 19 -3.11 10.75 23.40
CA LEU A 19 -3.00 9.33 23.77
C LEU A 19 -3.67 9.03 25.10
N GLU A 20 -3.65 9.98 26.05
CA GLU A 20 -4.27 9.69 27.34
C GLU A 20 -5.78 9.89 27.30
N SER A 21 -6.28 10.84 26.52
CA SER A 21 -7.72 10.93 26.37
C SER A 21 -8.28 9.66 25.75
N ILE A 22 -7.61 9.13 24.71
CA ILE A 22 -8.08 7.93 24.03
C ILE A 22 -8.15 6.74 25.00
N ARG A 23 -7.15 6.60 25.87
CA ARG A 23 -7.24 5.60 26.94
C ARG A 23 -8.45 5.86 27.83
N ALA A 24 -8.54 7.09 28.36
CA ALA A 24 -9.64 7.44 29.26
C ALA A 24 -10.99 7.12 28.64
N ALA A 25 -11.17 7.41 27.35
CA ALA A 25 -12.44 7.08 26.73
C ALA A 25 -12.63 5.59 26.50
N GLY A 26 -11.69 4.76 26.91
CA GLY A 26 -11.74 3.33 26.61
C GLY A 26 -11.64 3.02 25.15
N LEU A 27 -11.14 3.94 24.33
CA LEU A 27 -11.06 3.76 22.89
C LEU A 27 -9.70 3.28 22.43
N PHE A 28 -8.78 3.02 23.38
CA PHE A 28 -7.43 2.58 23.07
C PHE A 28 -7.42 1.12 22.65
N LYS A 29 -6.60 0.81 21.64
CA LYS A 29 -6.58 -0.50 20.99
C LYS A 29 -5.32 -1.22 21.36
N ASN A 30 -5.46 -2.45 21.86
CA ASN A 30 -4.31 -3.26 22.25
C ASN A 30 -4.12 -4.38 21.24
N GLU A 31 -2.92 -4.42 20.67
CA GLU A 31 -2.53 -5.49 19.76
C GLU A 31 -2.32 -6.80 20.51
N ARG A 32 -2.80 -7.90 19.94
CA ARG A 32 -2.46 -9.24 20.38
C ARG A 32 -1.43 -9.86 19.44
N VAL A 33 -0.46 -10.56 20.00
CA VAL A 33 0.73 -11.02 19.29
C VAL A 33 0.58 -12.51 19.03
N ILE A 34 0.08 -12.85 17.83
CA ILE A 34 -0.02 -14.24 17.39
C ILE A 34 1.38 -14.79 17.09
N ALA A 35 1.60 -16.07 17.44
CA ALA A 35 2.91 -16.69 17.26
C ALA A 35 2.92 -17.80 16.22
N THR A 36 1.77 -18.14 15.64
CA THR A 36 1.66 -19.22 14.67
C THR A 36 1.11 -18.68 13.36
N PRO A 37 1.03 -19.50 12.30
CA PRO A 37 0.36 -19.04 11.08
C PRO A 37 -1.09 -18.68 11.33
N GLN A 38 -1.62 -17.85 10.43
CA GLN A 38 -3.05 -17.59 10.42
C GLN A 38 -3.81 -18.91 10.23
N GLY A 39 -4.82 -19.14 11.06
CA GLY A 39 -5.56 -20.38 11.02
C GLY A 39 -6.86 -20.27 11.82
N ALA A 40 -7.79 -21.17 11.51
CA ALA A 40 -9.06 -21.21 12.24
C ALA A 40 -8.82 -21.39 13.72
N ARG A 41 -7.73 -22.02 14.09
CA ARG A 41 -7.18 -21.99 15.44
C ARG A 41 -5.80 -21.38 15.36
N VAL A 42 -5.42 -20.69 16.42
CA VAL A 42 -4.18 -19.94 16.44
C VAL A 42 -3.74 -19.85 17.88
N ARG A 43 -2.44 -19.68 18.09
CA ARG A 43 -1.89 -19.55 19.44
C ARG A 43 -1.09 -18.26 19.50
N THR A 44 -1.35 -17.48 20.53
CA THR A 44 -0.56 -16.28 20.76
C THR A 44 0.70 -16.62 21.55
N THR A 45 1.59 -15.63 21.68
CA THR A 45 2.90 -15.86 22.28
C THR A 45 2.85 -16.30 23.74
N ASP A 46 1.65 -16.35 24.33
CA ASP A 46 1.50 -16.85 25.70
C ASP A 46 1.27 -18.35 25.73
N GLY A 47 1.19 -18.99 24.56
CA GLY A 47 0.92 -20.42 24.47
C GLY A 47 -0.54 -20.81 24.49
N ARG A 48 -1.45 -19.85 24.70
CA ARG A 48 -2.88 -20.11 24.76
C ARG A 48 -3.40 -20.33 23.35
N GLU A 49 -3.95 -21.51 23.08
CA GLU A 49 -4.60 -21.74 21.80
C GLU A 49 -6.05 -21.27 21.89
N VAL A 50 -6.51 -20.59 20.84
CA VAL A 50 -7.83 -20.00 20.79
C VAL A 50 -8.38 -20.20 19.38
N ILE A 51 -9.68 -19.99 19.23
CA ILE A 51 -10.37 -20.13 17.96
C ILE A 51 -10.53 -18.73 17.36
N ASN A 52 -9.89 -18.50 16.22
CA ASN A 52 -9.91 -17.22 15.53
C ASN A 52 -11.20 -17.10 14.75
N LEU A 53 -12.05 -16.15 15.13
CA LEU A 53 -13.24 -15.81 14.36
C LEU A 53 -13.26 -14.34 13.92
N CYS A 54 -12.10 -13.69 13.78
CA CYS A 54 -12.15 -12.30 13.36
C CYS A 54 -11.15 -12.00 12.25
N ALA A 55 -10.95 -12.94 11.34
CA ALA A 55 -10.00 -12.80 10.25
C ALA A 55 -10.75 -12.69 8.92
N ASN A 56 -10.14 -11.96 7.97
CA ASN A 56 -10.58 -11.92 6.58
C ASN A 56 -10.16 -13.17 5.78
N ASN A 57 -9.76 -14.24 6.47
CA ASN A 57 -9.32 -15.49 5.84
C ASN A 57 -10.53 -16.39 5.58
N TYR A 58 -11.47 -15.82 4.82
CA TYR A 58 -12.77 -16.43 4.57
C TYR A 58 -12.66 -17.84 4.04
N LEU A 59 -11.76 -18.05 3.07
CA LEU A 59 -11.65 -19.31 2.37
C LEU A 59 -10.55 -20.21 2.92
N GLY A 60 -9.90 -19.80 4.00
CA GLY A 60 -8.81 -20.61 4.54
C GLY A 60 -7.55 -20.60 3.71
N LEU A 61 -7.38 -19.61 2.84
CA LEU A 61 -6.27 -19.57 1.89
C LEU A 61 -5.00 -18.98 2.46
N SER A 62 -5.05 -18.35 3.65
CA SER A 62 -3.89 -17.62 4.15
C SER A 62 -2.76 -18.54 4.58
N SER A 63 -3.06 -19.79 4.92
CA SER A 63 -2.04 -20.77 5.26
C SER A 63 -2.26 -22.08 4.50
N HIS A 64 -3.05 -22.04 3.45
CA HIS A 64 -3.31 -23.20 2.62
C HIS A 64 -1.99 -23.75 2.06
N PRO A 65 -1.71 -25.04 2.20
CA PRO A 65 -0.38 -25.53 1.82
C PRO A 65 -0.12 -25.48 0.32
N GLN A 66 -1.16 -25.52 -0.52
CA GLN A 66 -0.94 -25.35 -1.95
C GLN A 66 -0.63 -23.89 -2.27
N VAL A 67 -1.27 -22.96 -1.57
CA VAL A 67 -0.89 -21.56 -1.69
C VAL A 67 0.51 -21.35 -1.13
N ILE A 68 0.81 -21.97 0.01
CA ILE A 68 2.16 -21.86 0.55
C ILE A 68 3.19 -22.40 -0.43
N GLU A 69 2.91 -23.55 -1.05
CA GLU A 69 3.91 -24.11 -1.96
C GLU A 69 4.08 -23.22 -3.20
N ALA A 70 3.02 -22.58 -3.67
CA ALA A 70 3.17 -21.68 -4.81
C ALA A 70 4.07 -20.49 -4.47
N ALA A 71 3.96 -19.97 -3.25
CA ALA A 71 4.89 -18.93 -2.82
C ALA A 71 6.32 -19.45 -2.81
N HIS A 72 6.53 -20.70 -2.36
CA HIS A 72 7.87 -21.28 -2.33
C HIS A 72 8.45 -21.41 -3.73
N GLU A 73 7.64 -21.87 -4.67
CA GLU A 73 8.10 -22.03 -6.05
C GLU A 73 8.39 -20.66 -6.68
N ALA A 74 7.50 -19.68 -6.47
CA ALA A 74 7.71 -18.35 -7.03
C ALA A 74 8.94 -17.66 -6.47
N LEU A 75 9.39 -18.07 -5.27
CA LEU A 75 10.66 -17.53 -4.77
C LEU A 75 11.84 -18.13 -5.51
N ARG A 76 11.77 -19.44 -5.80
CA ARG A 76 12.86 -20.10 -6.50
C ARG A 76 12.99 -19.59 -7.93
N THR A 77 11.85 -19.42 -8.62
CA THR A 77 11.87 -19.04 -10.02
C THR A 77 11.97 -17.54 -10.22
N HIS A 78 11.47 -16.73 -9.27
CA HIS A 78 11.24 -15.31 -9.51
C HIS A 78 11.74 -14.39 -8.40
N GLY A 79 12.46 -14.89 -7.40
CA GLY A 79 13.13 -14.02 -6.45
C GLY A 79 12.26 -13.50 -5.32
N PHE A 80 12.85 -12.66 -4.48
CA PHE A 80 12.16 -12.23 -3.27
C PHE A 80 11.45 -10.90 -3.45
N GLY A 81 12.16 -9.90 -3.95
CA GLY A 81 11.58 -8.63 -4.27
C GLY A 81 11.99 -8.17 -5.65
N LEU A 82 11.22 -7.24 -6.19
CA LEU A 82 11.56 -6.65 -7.48
C LEU A 82 12.19 -5.26 -7.35
N SER A 83 11.85 -4.53 -6.29
CA SER A 83 12.38 -3.22 -6.00
C SER A 83 12.23 -2.29 -7.19
N SER A 84 10.98 -2.12 -7.61
CA SER A 84 10.71 -1.25 -8.75
C SER A 84 9.22 -1.16 -8.93
N VAL A 85 8.74 0.04 -9.29
CA VAL A 85 7.40 0.18 -9.82
C VAL A 85 7.30 -0.59 -11.14
N ARG A 86 6.05 -0.82 -11.57
CA ARG A 86 5.77 -1.68 -12.71
C ARG A 86 6.45 -1.19 -13.99
N PHE A 87 6.48 0.12 -14.21
CA PHE A 87 6.90 0.63 -15.50
C PHE A 87 8.41 0.66 -15.65
N ILE A 88 9.18 0.49 -14.59
CA ILE A 88 10.64 0.47 -14.72
C ILE A 88 11.14 -0.98 -14.83
N CYS A 89 11.38 -1.70 -13.75
CA CYS A 89 11.68 -3.12 -13.92
C CYS A 89 10.96 -3.94 -12.85
N GLY A 90 9.65 -3.72 -12.69
CA GLY A 90 8.85 -4.40 -11.70
C GLY A 90 7.76 -5.31 -12.26
N THR A 91 7.66 -5.39 -13.58
CA THR A 91 6.69 -6.25 -14.26
C THR A 91 7.36 -7.56 -14.64
N GLN A 92 6.95 -8.66 -14.02
CA GLN A 92 7.38 -9.98 -14.45
C GLN A 92 6.24 -10.62 -15.24
N ASP A 93 6.51 -11.81 -15.82
CA ASP A 93 5.42 -12.50 -16.50
C ASP A 93 4.30 -12.85 -15.53
N LEU A 94 4.62 -12.99 -14.24
CA LEU A 94 3.60 -13.34 -13.26
C LEU A 94 2.54 -12.24 -13.15
N HIS A 95 2.96 -10.97 -13.11
CA HIS A 95 1.99 -9.89 -13.00
C HIS A 95 1.03 -9.82 -14.19
N LYS A 96 1.53 -10.00 -15.42
CA LYS A 96 0.62 -10.04 -16.58
C LYS A 96 -0.32 -11.24 -16.51
N THR A 97 0.24 -12.43 -16.21
CA THR A 97 -0.58 -13.63 -16.04
C THR A 97 -1.69 -13.41 -15.02
N LEU A 98 -1.32 -13.03 -13.80
CA LEU A 98 -2.33 -12.81 -12.77
C LEU A 98 -3.37 -11.80 -13.22
N GLU A 99 -2.94 -10.71 -13.89
CA GLU A 99 -3.89 -9.69 -14.30
C GLU A 99 -4.94 -10.27 -15.26
N ALA A 100 -4.52 -11.17 -16.15
CA ALA A 100 -5.46 -11.82 -17.05
C ALA A 100 -6.38 -12.78 -16.30
N ARG A 101 -5.85 -13.53 -15.33
CA ARG A 101 -6.72 -14.44 -14.59
C ARG A 101 -7.74 -13.68 -13.75
N LEU A 102 -7.32 -12.58 -13.12
CA LEU A 102 -8.26 -11.77 -12.36
C LEU A 102 -9.38 -11.24 -13.26
N SER A 103 -9.00 -10.68 -14.42
CA SER A 103 -9.99 -10.13 -15.33
C SER A 103 -11.00 -11.17 -15.78
N ALA A 104 -10.54 -12.38 -16.11
CA ALA A 104 -11.44 -13.44 -16.53
C ALA A 104 -12.34 -13.88 -15.38
N PHE A 105 -11.76 -14.05 -14.19
CA PHE A 105 -12.53 -14.41 -13.00
C PHE A 105 -13.62 -13.39 -12.73
N LEU A 106 -13.28 -12.09 -12.81
CA LEU A 106 -14.18 -11.00 -12.44
C LEU A 106 -15.10 -10.58 -13.57
N GLY A 107 -14.88 -11.06 -14.79
CA GLY A 107 -15.73 -10.71 -15.90
C GLY A 107 -15.44 -9.39 -16.56
N THR A 108 -14.17 -8.99 -16.62
CA THR A 108 -13.79 -7.68 -17.14
C THR A 108 -12.70 -7.83 -18.19
N GLU A 109 -12.50 -6.76 -18.93
CA GLU A 109 -11.50 -6.78 -19.98
C GLU A 109 -10.09 -6.84 -19.43
N ASP A 110 -9.79 -6.07 -18.37
CA ASP A 110 -8.40 -5.95 -17.93
C ASP A 110 -8.31 -5.67 -16.42
N THR A 111 -7.07 -5.75 -15.91
CA THR A 111 -6.82 -5.62 -14.49
C THR A 111 -5.45 -5.01 -14.27
N ILE A 112 -5.36 -4.16 -13.26
CA ILE A 112 -4.13 -3.45 -12.91
C ILE A 112 -3.86 -3.72 -11.43
N LEU A 113 -2.68 -4.25 -11.14
CA LEU A 113 -2.34 -4.61 -9.77
C LEU A 113 -1.84 -3.39 -8.99
N TYR A 114 -2.13 -3.40 -7.69
CA TYR A 114 -1.68 -2.40 -6.75
C TYR A 114 -1.12 -3.10 -5.52
N GLY A 115 -0.33 -2.35 -4.73
CA GLY A 115 0.15 -2.88 -3.47
C GLY A 115 -0.92 -3.19 -2.45
N SER A 116 -2.11 -2.61 -2.59
CA SER A 116 -3.20 -2.89 -1.65
C SER A 116 -4.51 -2.42 -2.27
N ALA A 117 -5.63 -2.90 -1.71
CA ALA A 117 -6.91 -2.28 -2.06
C ALA A 117 -6.92 -0.81 -1.66
N PHE A 118 -6.29 -0.48 -0.53
CA PHE A 118 -6.25 0.90 -0.09
C PHE A 118 -5.71 1.81 -1.18
N ASP A 119 -4.65 1.36 -1.86
CA ASP A 119 -4.04 2.17 -2.90
C ASP A 119 -4.81 2.10 -4.21
N ALA A 120 -5.41 0.95 -4.52
CA ALA A 120 -6.27 0.89 -5.71
C ALA A 120 -7.37 1.94 -5.63
N ASN A 121 -8.08 1.99 -4.50
CA ASN A 121 -8.99 3.10 -4.22
C ASN A 121 -8.26 4.43 -4.23
N GLY A 122 -7.08 4.49 -3.61
CA GLY A 122 -6.34 5.74 -3.53
C GLY A 122 -6.04 6.37 -4.87
N GLY A 123 -5.79 5.55 -5.90
CA GLY A 123 -5.37 6.07 -7.18
C GLY A 123 -6.40 5.94 -8.28
N LEU A 124 -7.66 5.74 -7.92
CA LEU A 124 -8.69 5.45 -8.92
C LEU A 124 -9.38 6.72 -9.40
N PHE A 125 -9.99 7.47 -8.47
CA PHE A 125 -10.84 8.59 -8.82
C PHE A 125 -10.05 9.76 -9.41
N GLU A 126 -8.91 10.10 -8.83
CA GLU A 126 -8.17 11.25 -9.30
C GLU A 126 -7.70 11.08 -10.74
N THR A 127 -7.47 9.82 -11.15
CA THR A 127 -7.03 9.51 -12.51
C THR A 127 -8.18 9.62 -13.51
N LEU A 128 -9.38 9.17 -13.14
CA LEU A 128 -10.49 9.04 -14.06
C LEU A 128 -11.47 10.23 -14.08
N LEU A 129 -11.50 11.05 -13.04
CA LEU A 129 -12.51 12.09 -12.90
C LEU A 129 -11.84 13.45 -12.75
N GLY A 130 -12.60 14.50 -13.09
CA GLY A 130 -12.15 15.87 -12.94
C GLY A 130 -13.21 16.71 -12.23
N ALA A 131 -12.91 18.02 -12.14
CA ALA A 131 -13.77 18.95 -11.40
C ALA A 131 -15.18 19.00 -11.96
N GLU A 132 -15.33 18.69 -13.24
CA GLU A 132 -16.63 18.72 -13.87
C GLU A 132 -17.44 17.46 -13.62
N ASP A 133 -16.85 16.44 -12.99
CA ASP A 133 -17.50 15.15 -12.78
C ASP A 133 -17.95 14.99 -11.33
N ALA A 134 -18.74 13.94 -11.09
CA ALA A 134 -19.34 13.68 -9.79
C ALA A 134 -19.13 12.24 -9.37
N VAL A 135 -18.80 12.03 -8.10
CA VAL A 135 -18.85 10.70 -7.50
C VAL A 135 -19.87 10.72 -6.37
N ILE A 136 -20.69 9.68 -6.31
CA ILE A 136 -21.81 9.59 -5.38
C ILE A 136 -21.62 8.30 -4.59
N SER A 137 -21.25 8.44 -3.32
CA SER A 137 -20.84 7.32 -2.49
C SER A 137 -21.95 6.93 -1.54
N ASP A 138 -22.11 5.62 -1.32
CA ASP A 138 -22.81 5.15 -0.14
C ASP A 138 -22.14 5.73 1.09
N ALA A 139 -22.96 6.27 2.01
CA ALA A 139 -22.42 6.92 3.21
C ALA A 139 -21.55 6.01 4.06
N LEU A 140 -21.62 4.69 3.89
CA LEU A 140 -20.82 3.79 4.69
C LEU A 140 -19.55 3.29 3.98
N ASN A 141 -19.15 3.96 2.90
CA ASN A 141 -18.04 3.46 2.09
C ASN A 141 -16.72 3.43 2.88
N HIS A 142 -15.91 2.42 2.58
CA HIS A 142 -14.63 2.22 3.27
C HIS A 142 -13.76 3.48 3.23
N ALA A 143 -13.04 3.68 4.31
CA ALA A 143 -12.11 4.80 4.40
C ALA A 143 -11.23 4.95 3.16
N SER A 144 -10.76 3.83 2.57
CA SER A 144 -9.87 3.99 1.43
C SER A 144 -10.58 4.68 0.28
N ILE A 145 -11.88 4.42 0.11
CA ILE A 145 -12.66 5.09 -0.92
C ILE A 145 -12.80 6.58 -0.63
N ILE A 146 -13.16 6.92 0.60
CA ILE A 146 -13.26 8.34 1.00
C ILE A 146 -11.96 9.07 0.66
N ASP A 147 -10.81 8.48 0.99
CA ASP A 147 -9.55 9.16 0.75
C ASP A 147 -9.23 9.24 -0.74
N GLY A 148 -9.57 8.18 -1.49
CA GLY A 148 -9.44 8.25 -2.94
C GLY A 148 -10.27 9.36 -3.53
N VAL A 149 -11.51 9.53 -3.04
CA VAL A 149 -12.35 10.61 -3.54
C VAL A 149 -11.77 11.97 -3.15
N ARG A 150 -11.34 12.11 -1.89
CA ARG A 150 -10.79 13.37 -1.41
C ARG A 150 -9.56 13.79 -2.20
N LEU A 151 -8.80 12.84 -2.72
CA LEU A 151 -7.65 13.18 -3.55
C LEU A 151 -8.04 13.57 -4.98
N SER A 152 -9.26 13.24 -5.43
CA SER A 152 -9.75 13.66 -6.74
C SER A 152 -10.34 15.08 -6.68
N LYS A 153 -10.48 15.69 -7.86
CA LYS A 153 -11.13 16.99 -7.98
C LYS A 153 -12.65 16.90 -8.16
N ALA A 154 -13.23 15.70 -8.11
CA ALA A 154 -14.64 15.56 -8.44
C ALA A 154 -15.54 16.21 -7.38
N ARG A 155 -16.77 16.49 -7.79
CA ARG A 155 -17.79 16.96 -6.86
C ARG A 155 -18.37 15.76 -6.12
N ARG A 156 -18.56 15.91 -4.81
CA ARG A 156 -18.85 14.80 -3.93
C ARG A 156 -20.32 14.78 -3.49
N TYR A 157 -20.91 13.59 -3.53
CA TYR A 157 -22.25 13.35 -3.01
C TYR A 157 -22.19 12.07 -2.20
N ARG A 158 -22.95 12.02 -1.11
CA ARG A 158 -23.09 10.82 -0.30
C ARG A 158 -24.57 10.51 -0.17
N TYR A 159 -24.92 9.23 -0.20
CA TYR A 159 -26.31 8.82 -0.03
C TYR A 159 -26.41 7.86 1.14
N GLN A 160 -27.56 7.92 1.82
CA GLN A 160 -27.81 7.09 3.00
C GLN A 160 -27.55 5.63 2.72
N HIS A 161 -27.07 4.95 3.75
CA HIS A 161 -26.60 3.58 3.62
C HIS A 161 -27.67 2.67 3.02
N ASN A 162 -27.36 2.08 1.87
CA ASN A 162 -28.21 1.15 1.12
C ASN A 162 -29.56 1.77 0.76
N ASP A 163 -29.70 3.09 0.88
CA ASP A 163 -30.93 3.81 0.60
C ASP A 163 -31.02 4.12 -0.89
N MET A 164 -31.74 3.29 -1.64
CA MET A 164 -31.86 3.51 -3.07
C MET A 164 -32.58 4.81 -3.36
N ASP A 165 -33.52 5.22 -2.50
CA ASP A 165 -34.23 6.48 -2.73
C ASP A 165 -33.29 7.66 -2.56
N ASP A 166 -32.45 7.64 -1.53
CA ASP A 166 -31.42 8.67 -1.39
C ASP A 166 -30.46 8.63 -2.57
N LEU A 167 -30.14 7.44 -3.09
CA LEU A 167 -29.24 7.39 -4.24
C LEU A 167 -29.84 8.15 -5.42
N ARG A 168 -31.17 8.12 -5.55
CA ARG A 168 -31.83 8.82 -6.65
C ARG A 168 -31.83 10.33 -6.44
N VAL A 169 -32.01 10.78 -5.19
CA VAL A 169 -32.04 12.22 -4.96
C VAL A 169 -30.66 12.84 -5.11
N GLN A 170 -29.60 12.03 -4.96
CA GLN A 170 -28.25 12.56 -5.13
C GLN A 170 -27.89 12.64 -6.60
N LEU A 171 -28.26 11.62 -7.38
CA LEU A 171 -28.04 11.69 -8.82
C LEU A 171 -28.84 12.83 -9.43
N GLU A 172 -29.99 13.15 -8.85
CA GLU A 172 -30.75 14.31 -9.32
C GLU A 172 -30.00 15.60 -9.00
N GLN A 173 -29.60 15.77 -7.75
CA GLN A 173 -28.79 16.93 -7.38
C GLN A 173 -27.51 17.00 -8.21
N ALA A 174 -26.82 15.86 -8.37
CA ALA A 174 -25.60 15.81 -9.18
C ALA A 174 -25.88 16.28 -10.59
N ARG A 175 -26.97 15.79 -11.19
CA ARG A 175 -27.34 16.26 -12.52
C ARG A 175 -27.75 17.73 -12.48
N ALA A 176 -28.52 18.12 -11.47
CA ALA A 176 -28.91 19.52 -11.32
C ALA A 176 -27.68 20.41 -11.23
N ASP A 177 -26.69 19.99 -10.46
CA ASP A 177 -25.43 20.70 -10.33
C ASP A 177 -24.61 20.69 -11.61
N GLY A 178 -25.05 19.97 -12.64
CA GLY A 178 -24.35 19.97 -13.92
C GLY A 178 -23.18 19.03 -14.05
N ALA A 179 -23.18 17.91 -13.31
CA ALA A 179 -22.18 16.86 -13.48
C ALA A 179 -22.02 16.47 -14.95
N ARG A 180 -20.76 16.25 -15.36
CA ARG A 180 -20.50 15.74 -16.70
C ARG A 180 -20.64 14.22 -16.69
N TYR A 181 -19.62 13.51 -16.22
CA TYR A 181 -19.78 12.09 -15.94
C TYR A 181 -20.10 11.92 -14.46
N THR A 182 -20.62 10.75 -14.11
CA THR A 182 -21.00 10.50 -12.74
C THR A 182 -20.72 9.03 -12.41
N LEU A 183 -19.97 8.81 -11.34
CA LEU A 183 -19.64 7.46 -10.87
C LEU A 183 -20.34 7.21 -9.55
N VAL A 184 -21.20 6.19 -9.50
CA VAL A 184 -21.78 5.71 -8.25
C VAL A 184 -20.86 4.64 -7.70
N PHE A 185 -20.46 4.76 -6.45
CA PHE A 185 -19.43 3.87 -5.92
C PHE A 185 -19.80 3.39 -4.53
N SER A 186 -19.62 2.09 -4.30
CA SER A 186 -20.04 1.46 -3.05
C SER A 186 -19.24 0.20 -2.76
N ASP A 187 -19.05 -0.08 -1.47
CA ASP A 187 -18.63 -1.41 -1.07
C ASP A 187 -19.59 -2.43 -1.69
N GLY A 188 -19.03 -3.49 -2.27
CA GLY A 188 -19.87 -4.60 -2.68
C GLY A 188 -20.51 -5.26 -1.49
N VAL A 189 -19.69 -5.59 -0.49
CA VAL A 189 -20.12 -6.00 0.82
C VAL A 189 -19.46 -5.07 1.82
N PHE A 190 -20.25 -4.54 2.75
CA PHE A 190 -19.76 -3.52 3.66
C PHE A 190 -18.97 -4.15 4.80
N SER A 191 -17.82 -3.55 5.12
CA SER A 191 -16.87 -4.15 6.05
C SER A 191 -17.49 -4.35 7.43
N MET A 192 -18.13 -3.32 7.96
CA MET A 192 -18.44 -3.25 9.38
C MET A 192 -19.82 -3.80 9.75
N ASP A 193 -20.74 -3.97 8.80
CA ASP A 193 -22.04 -4.52 9.15
C ASP A 193 -22.47 -5.73 8.31
N GLY A 194 -21.71 -6.08 7.27
CA GLY A 194 -21.96 -7.27 6.51
C GLY A 194 -23.05 -7.15 5.46
N THR A 195 -23.79 -6.04 5.42
CA THR A 195 -24.83 -5.85 4.42
C THR A 195 -24.24 -5.97 3.02
N VAL A 196 -25.10 -6.36 2.07
CA VAL A 196 -24.71 -6.52 0.68
C VAL A 196 -25.34 -5.38 -0.11
N ALA A 197 -24.52 -4.65 -0.85
CA ALA A 197 -25.06 -3.59 -1.67
C ALA A 197 -26.05 -4.16 -2.69
N ARG A 198 -27.04 -3.34 -3.05
CA ARG A 198 -28.10 -3.75 -3.96
C ARG A 198 -27.69 -3.39 -5.39
N LEU A 199 -26.69 -4.12 -5.86
CA LEU A 199 -26.09 -3.81 -7.16
C LEU A 199 -27.09 -3.98 -8.30
N ASP A 200 -28.09 -4.86 -8.15
CA ASP A 200 -29.07 -5.01 -9.21
C ASP A 200 -29.89 -3.74 -9.35
N GLU A 201 -30.38 -3.22 -8.22
CA GLU A 201 -31.09 -1.95 -8.23
C GLU A 201 -30.19 -0.80 -8.66
N MET A 202 -28.92 -0.82 -8.21
CA MET A 202 -28.03 0.30 -8.53
C MET A 202 -27.62 0.27 -9.99
N ARG A 203 -27.51 -0.91 -10.59
CA ARG A 203 -27.30 -0.97 -12.03
C ARG A 203 -28.44 -0.27 -12.77
N ALA A 204 -29.67 -0.47 -12.30
CA ALA A 204 -30.84 0.07 -12.99
C ALA A 204 -30.89 1.59 -12.84
N ILE A 205 -30.77 2.08 -11.61
CA ILE A 205 -30.71 3.52 -11.38
C ILE A 205 -29.62 4.17 -12.23
N CYS A 206 -28.45 3.53 -12.29
CA CYS A 206 -27.32 4.08 -13.05
C CYS A 206 -27.61 4.20 -14.53
N ASP A 207 -28.05 3.10 -15.12
CA ASP A 207 -28.41 3.12 -16.54
C ASP A 207 -29.43 4.23 -16.82
N GLU A 208 -30.39 4.41 -15.90
CA GLU A 208 -31.40 5.44 -16.11
C GLU A 208 -30.78 6.82 -16.19
N TYR A 209 -29.83 7.13 -15.29
CA TYR A 209 -29.15 8.43 -15.34
C TYR A 209 -27.94 8.45 -16.27
N GLY A 210 -27.45 7.29 -16.69
CA GLY A 210 -26.24 7.24 -17.50
C GLY A 210 -24.98 7.38 -16.67
N ALA A 211 -24.96 6.83 -15.46
CA ALA A 211 -23.84 6.95 -14.55
C ALA A 211 -23.05 5.65 -14.51
N LEU A 212 -21.75 5.76 -14.28
CA LEU A 212 -20.92 4.56 -14.14
C LEU A 212 -21.18 3.93 -12.77
N LEU A 213 -20.91 2.62 -12.68
CA LEU A 213 -21.10 1.85 -11.45
C LEU A 213 -19.80 1.16 -11.07
N GLY A 214 -19.26 1.52 -9.90
CA GLY A 214 -18.06 0.90 -9.38
C GLY A 214 -18.35 0.25 -8.05
N ILE A 215 -17.60 -0.82 -7.76
CA ILE A 215 -17.72 -1.52 -6.48
C ILE A 215 -16.35 -1.90 -5.91
N ASP A 216 -16.33 -2.12 -4.60
CA ASP A 216 -15.12 -2.50 -3.86
C ASP A 216 -15.40 -3.83 -3.19
N GLU A 217 -14.75 -4.88 -3.70
CA GLU A 217 -15.17 -6.25 -3.43
C GLU A 217 -14.30 -6.96 -2.40
N CYS A 218 -13.53 -6.22 -1.59
CA CYS A 218 -12.63 -6.84 -0.61
C CYS A 218 -13.27 -7.94 0.21
N HIS A 219 -14.55 -7.75 0.57
CA HIS A 219 -15.31 -8.74 1.31
C HIS A 219 -16.31 -9.47 0.44
N ALA A 220 -15.97 -9.71 -0.81
CA ALA A 220 -16.84 -10.51 -1.66
C ALA A 220 -16.05 -11.43 -2.59
N THR A 221 -14.92 -10.96 -3.13
CA THR A 221 -14.22 -11.71 -4.16
C THR A 221 -13.71 -13.05 -3.65
N GLY A 222 -14.13 -14.12 -4.30
CA GLY A 222 -13.76 -15.47 -3.93
C GLY A 222 -14.90 -16.30 -3.36
N PHE A 223 -15.93 -15.67 -2.78
CA PHE A 223 -16.97 -16.44 -2.10
C PHE A 223 -18.39 -15.91 -2.24
N MET A 224 -18.62 -14.69 -2.72
CA MET A 224 -19.98 -14.24 -3.02
C MET A 224 -20.37 -14.72 -4.41
N GLY A 225 -21.65 -15.04 -4.56
CA GLY A 225 -22.13 -15.66 -5.78
C GLY A 225 -21.85 -17.14 -5.78
N GLN A 226 -22.69 -17.91 -6.49
CA GLN A 226 -22.56 -19.37 -6.48
C GLN A 226 -21.15 -19.83 -6.87
N ARG A 227 -20.51 -19.12 -7.81
CA ARG A 227 -19.15 -19.43 -8.23
C ARG A 227 -18.10 -18.58 -7.50
N GLY A 228 -18.47 -17.88 -6.45
CA GLY A 228 -17.52 -17.09 -5.69
C GLY A 228 -16.89 -15.93 -6.44
N ARG A 229 -17.56 -15.40 -7.46
CA ARG A 229 -16.98 -14.33 -8.25
C ARG A 229 -17.23 -12.95 -7.67
N GLY A 230 -18.24 -12.80 -6.83
CA GLY A 230 -18.41 -11.57 -6.08
C GLY A 230 -19.84 -11.08 -6.04
N THR A 231 -20.03 -10.00 -5.25
CA THR A 231 -21.35 -9.40 -5.08
C THR A 231 -22.06 -9.18 -6.40
N HIS A 232 -21.32 -8.79 -7.45
CA HIS A 232 -21.97 -8.60 -8.74
C HIS A 232 -22.49 -9.91 -9.32
N GLU A 233 -21.78 -11.03 -9.08
CA GLU A 233 -22.33 -12.33 -9.47
C GLU A 233 -23.55 -12.65 -8.63
N ALA A 234 -23.48 -12.41 -7.31
CA ALA A 234 -24.59 -12.76 -6.43
C ALA A 234 -25.85 -11.96 -6.75
N ARG A 235 -25.73 -10.80 -7.40
CA ARG A 235 -26.89 -9.96 -7.72
C ARG A 235 -27.20 -9.91 -9.21
N GLY A 236 -26.73 -10.87 -9.99
CA GLY A 236 -27.18 -10.98 -11.36
C GLY A 236 -26.68 -9.92 -12.30
N VAL A 237 -25.62 -9.20 -11.95
CA VAL A 237 -25.11 -8.19 -12.87
C VAL A 237 -23.65 -8.47 -13.16
N PHE A 238 -23.28 -9.74 -13.25
CA PHE A 238 -21.93 -10.11 -13.67
C PHE A 238 -21.73 -9.72 -15.12
N GLY A 239 -20.61 -9.06 -15.40
CA GLY A 239 -20.31 -8.53 -16.72
C GLY A 239 -20.88 -7.14 -16.95
N LYS A 240 -21.56 -6.57 -15.96
CA LYS A 240 -22.24 -5.29 -16.10
C LYS A 240 -21.72 -4.26 -15.10
N ILE A 241 -20.48 -4.42 -14.63
CA ILE A 241 -19.89 -3.52 -13.64
C ILE A 241 -18.81 -2.71 -14.32
N ASP A 242 -18.85 -1.39 -14.15
CA ASP A 242 -17.84 -0.56 -14.79
C ASP A 242 -16.48 -0.71 -14.15
N ILE A 243 -16.41 -0.76 -12.82
CA ILE A 243 -15.16 -0.66 -12.11
C ILE A 243 -15.21 -1.56 -10.89
N ILE A 244 -14.29 -2.50 -10.80
CA ILE A 244 -14.13 -3.33 -9.62
C ILE A 244 -12.78 -3.00 -9.03
N THR A 245 -12.77 -2.48 -7.82
CA THR A 245 -11.54 -2.48 -7.02
C THR A 245 -11.64 -3.58 -5.97
N GLY A 246 -10.52 -4.16 -5.61
CA GLY A 246 -10.55 -5.22 -4.64
C GLY A 246 -9.18 -5.49 -4.07
N THR A 247 -9.11 -6.49 -3.19
CA THR A 247 -7.89 -6.83 -2.50
C THR A 247 -7.49 -8.26 -2.77
N LEU A 248 -6.17 -8.52 -2.62
CA LEU A 248 -5.61 -9.86 -2.53
C LEU A 248 -5.38 -10.28 -1.09
N GLY A 249 -5.59 -9.37 -0.13
CA GLY A 249 -5.25 -9.60 1.25
C GLY A 249 -6.34 -10.21 2.11
N ALA A 250 -7.47 -10.58 1.52
CA ALA A 250 -8.56 -11.18 2.25
C ALA A 250 -8.77 -12.63 1.80
N ALA A 251 -9.83 -12.91 1.02
CA ALA A 251 -10.16 -14.30 0.70
C ALA A 251 -9.21 -14.94 -0.33
N LEU A 252 -8.42 -14.14 -1.04
CA LEU A 252 -7.54 -14.64 -2.10
C LEU A 252 -6.09 -14.79 -1.66
N GLY A 253 -5.84 -15.10 -0.39
CA GLY A 253 -4.48 -15.40 0.03
C GLY A 253 -4.03 -14.66 1.25
N GLY A 254 -4.51 -13.42 1.42
CA GLY A 254 -4.31 -12.71 2.67
C GLY A 254 -2.93 -12.14 2.89
N ALA A 255 -2.06 -12.16 1.88
CA ALA A 255 -0.69 -11.74 2.10
C ALA A 255 -0.49 -10.24 1.86
N SER A 256 -0.88 -9.75 0.68
CA SER A 256 -0.70 -8.36 0.30
C SER A 256 -1.19 -8.18 -1.13
N GLY A 257 -1.43 -6.93 -1.50
CA GLY A 257 -1.74 -6.66 -2.89
C GLY A 257 -3.21 -6.37 -3.12
N GLY A 258 -3.48 -5.69 -4.22
CA GLY A 258 -4.83 -5.31 -4.58
C GLY A 258 -4.90 -5.09 -6.06
N PHE A 259 -6.00 -4.53 -6.56
CA PHE A 259 -6.24 -4.53 -8.00
C PHE A 259 -7.43 -3.63 -8.32
N THR A 260 -7.47 -3.16 -9.57
CA THR A 260 -8.65 -2.52 -10.17
C THR A 260 -8.96 -3.20 -11.48
N SER A 261 -10.20 -3.68 -11.63
CA SER A 261 -10.60 -4.41 -12.83
C SER A 261 -11.69 -3.63 -13.54
N ALA A 262 -11.50 -3.45 -14.84
CA ALA A 262 -12.37 -2.58 -15.65
C ALA A 262 -12.11 -2.87 -17.14
N ARG A 263 -12.72 -2.05 -18.01
CA ARG A 263 -12.43 -2.11 -19.43
C ARG A 263 -10.98 -1.75 -19.72
N LYS A 264 -10.50 -2.21 -20.88
CA LYS A 264 -9.07 -2.12 -21.17
C LYS A 264 -8.59 -0.68 -21.21
N GLU A 265 -9.48 0.27 -21.52
CA GLU A 265 -9.02 1.64 -21.65
C GLU A 265 -9.01 2.38 -20.32
N VAL A 266 -9.89 2.04 -19.40
CA VAL A 266 -9.77 2.54 -18.02
C VAL A 266 -8.46 2.04 -17.41
N VAL A 267 -8.25 0.72 -17.44
CA VAL A 267 -7.04 0.12 -16.90
C VAL A 267 -5.80 0.73 -17.53
N ALA A 268 -5.87 1.05 -18.83
CA ALA A 268 -4.70 1.59 -19.51
C ALA A 268 -4.39 3.00 -19.01
N LEU A 269 -5.41 3.83 -18.78
CA LEU A 269 -5.14 5.15 -18.21
C LEU A 269 -4.61 5.02 -16.77
N LEU A 270 -5.06 4.03 -16.00
CA LEU A 270 -4.53 3.87 -14.65
C LEU A 270 -3.04 3.51 -14.67
N ARG A 271 -2.59 2.72 -15.65
CA ARG A 271 -1.17 2.45 -15.73
C ARG A 271 -0.39 3.71 -16.09
N GLN A 272 -0.95 4.52 -16.98
CA GLN A 272 -0.22 5.70 -17.41
C GLN A 272 -0.21 6.79 -16.35
N ARG A 273 -1.22 6.86 -15.47
CA ARG A 273 -1.46 8.10 -14.72
C ARG A 273 -1.77 7.95 -13.24
N SER A 274 -1.93 6.74 -12.69
CA SER A 274 -2.50 6.56 -11.37
C SER A 274 -1.36 6.51 -10.36
N ARG A 275 -1.38 7.41 -9.39
CA ARG A 275 -0.15 7.70 -8.65
C ARG A 275 0.42 6.54 -7.83
N PRO A 276 -0.37 5.72 -7.12
CA PRO A 276 0.22 4.52 -6.51
C PRO A 276 0.84 3.54 -7.51
N TYR A 277 0.41 3.53 -8.77
CA TYR A 277 1.02 2.61 -9.72
C TYR A 277 2.33 3.17 -10.27
N LEU A 278 2.44 4.50 -10.44
CA LEU A 278 3.69 5.10 -10.91
C LEU A 278 4.74 5.22 -9.80
N PHE A 279 4.31 5.36 -8.55
CA PHE A 279 5.20 5.80 -7.49
C PHE A 279 5.24 4.84 -6.30
N SER A 280 4.80 3.60 -6.46
CA SER A 280 4.84 2.63 -5.37
C SER A 280 5.24 1.26 -5.89
N ASN A 281 5.94 0.52 -5.04
CA ASN A 281 6.55 -0.75 -5.45
C ASN A 281 5.51 -1.70 -6.04
N THR A 282 5.96 -2.50 -7.01
CA THR A 282 5.17 -3.59 -7.55
C THR A 282 4.94 -4.69 -6.50
N VAL A 283 3.91 -5.49 -6.74
CA VAL A 283 3.62 -6.62 -5.85
C VAL A 283 4.77 -7.61 -5.89
N ALA A 284 5.10 -8.19 -4.74
CA ALA A 284 6.23 -9.11 -4.66
C ALA A 284 5.94 -10.37 -5.50
N PRO A 285 6.98 -10.95 -6.11
CA PRO A 285 6.79 -12.16 -6.93
C PRO A 285 6.08 -13.30 -6.25
N ALA A 286 6.53 -13.68 -5.05
CA ALA A 286 5.88 -14.78 -4.33
C ALA A 286 4.39 -14.52 -4.13
N ILE A 287 4.00 -13.27 -3.91
CA ILE A 287 2.57 -12.99 -3.72
C ILE A 287 1.81 -13.17 -5.04
N VAL A 288 2.38 -12.68 -6.14
CA VAL A 288 1.69 -12.81 -7.41
C VAL A 288 1.56 -14.28 -7.79
N GLY A 289 2.62 -15.05 -7.57
CA GLY A 289 2.62 -16.45 -7.98
C GLY A 289 1.63 -17.28 -7.18
N ALA A 290 1.54 -17.01 -5.88
CA ALA A 290 0.54 -17.68 -5.04
C ALA A 290 -0.86 -17.25 -5.42
N SER A 291 -1.01 -16.01 -5.90
CA SER A 291 -2.34 -15.55 -6.27
C SER A 291 -2.85 -16.30 -7.48
N ILE A 292 -1.95 -16.66 -8.41
CA ILE A 292 -2.35 -17.48 -9.55
C ILE A 292 -2.78 -18.86 -9.07
N ALA A 293 -2.08 -19.43 -8.10
CA ALA A 293 -2.51 -20.69 -7.53
C ALA A 293 -3.89 -20.57 -6.90
N VAL A 294 -4.18 -19.42 -6.27
CA VAL A 294 -5.46 -19.24 -5.59
C VAL A 294 -6.59 -19.26 -6.61
N LEU A 295 -6.37 -18.66 -7.78
CA LEU A 295 -7.41 -18.68 -8.81
C LEU A 295 -7.60 -20.07 -9.42
N ASP A 296 -6.55 -20.91 -9.46
CA ASP A 296 -6.75 -22.29 -9.89
C ASP A 296 -7.61 -23.05 -8.90
N ILE A 297 -7.31 -22.88 -7.60
CA ILE A 297 -8.05 -23.58 -6.55
C ILE A 297 -9.53 -23.29 -6.70
N LEU A 298 -9.87 -22.00 -6.89
CA LEU A 298 -11.25 -21.55 -6.84
C LEU A 298 -11.99 -21.76 -8.16
N GLU A 299 -11.28 -21.84 -9.27
CA GLU A 299 -11.94 -22.12 -10.53
C GLU A 299 -12.12 -23.61 -10.79
N ALA A 300 -11.59 -24.46 -9.91
CA ALA A 300 -11.72 -25.90 -10.07
C ALA A 300 -12.81 -26.49 -9.20
N SER A 301 -13.31 -25.74 -8.22
CA SER A 301 -14.28 -26.25 -7.27
C SER A 301 -14.81 -25.14 -6.38
N THR A 302 -16.13 -25.08 -6.19
CA THR A 302 -16.75 -24.17 -5.26
C THR A 302 -16.84 -24.73 -3.84
N GLU A 303 -15.98 -25.68 -3.49
CA GLU A 303 -16.12 -26.38 -2.21
C GLU A 303 -15.85 -25.46 -1.03
N LEU A 304 -14.90 -24.53 -1.16
CA LEU A 304 -14.59 -23.66 -0.03
C LEU A 304 -15.68 -22.61 0.15
N ARG A 305 -16.03 -21.93 -0.94
CA ARG A 305 -17.21 -21.09 -1.00
C ARG A 305 -18.41 -21.75 -0.32
N ASP A 306 -18.77 -22.98 -0.77
CA ASP A 306 -19.95 -23.65 -0.25
C ASP A 306 -19.79 -24.00 1.22
N ARG A 307 -18.61 -24.48 1.58
CA ARG A 307 -18.39 -24.79 2.98
C ARG A 307 -18.49 -23.53 3.82
N LEU A 308 -17.97 -22.40 3.31
CA LEU A 308 -18.10 -21.15 4.05
C LEU A 308 -19.56 -20.79 4.27
N GLU A 309 -20.39 -20.88 3.22
CA GLU A 309 -21.81 -20.55 3.37
C GLU A 309 -22.49 -21.43 4.41
N GLY A 310 -22.09 -22.71 4.49
CA GLY A 310 -22.66 -23.58 5.50
C GLY A 310 -22.27 -23.18 6.91
N ASN A 311 -20.98 -22.95 7.15
CA ASN A 311 -20.53 -22.52 8.47
C ASN A 311 -21.24 -21.24 8.90
N THR A 312 -21.49 -20.33 7.96
CA THR A 312 -22.17 -19.09 8.33
C THR A 312 -23.63 -19.37 8.67
N ARG A 313 -24.31 -20.13 7.81
CA ARG A 313 -25.71 -20.43 8.08
C ARG A 313 -25.86 -21.19 9.38
N PHE A 314 -24.96 -22.15 9.64
CA PHE A 314 -24.96 -22.83 10.93
C PHE A 314 -24.71 -21.83 12.06
N PHE A 315 -23.65 -21.04 11.95
CA PHE A 315 -23.26 -20.19 13.08
C PHE A 315 -24.19 -19.00 13.26
N ARG A 316 -24.95 -18.63 12.22
CA ARG A 316 -25.87 -17.51 12.35
C ARG A 316 -27.18 -17.95 12.98
N ALA A 317 -27.74 -19.08 12.52
CA ALA A 317 -28.84 -19.71 13.24
C ALA A 317 -28.47 -19.97 14.69
N GLY A 318 -27.22 -20.39 14.93
CA GLY A 318 -26.77 -20.69 16.29
C GLY A 318 -26.81 -19.46 17.18
N LEU A 319 -26.29 -18.33 16.67
CA LEU A 319 -26.34 -17.09 17.45
C LEU A 319 -27.77 -16.56 17.56
N ASP A 320 -28.61 -16.81 16.54
CA ASP A 320 -30.02 -16.45 16.65
C ASP A 320 -30.68 -17.19 17.80
N ARG A 321 -30.42 -18.49 17.91
CA ARG A 321 -31.05 -19.31 18.94
C ARG A 321 -30.76 -18.80 20.35
N LEU A 322 -29.62 -18.14 20.56
CA LEU A 322 -29.21 -17.69 21.88
C LEU A 322 -29.75 -16.30 22.24
N GLY A 323 -30.58 -15.71 21.40
CA GLY A 323 -31.07 -14.38 21.65
C GLY A 323 -30.15 -13.26 21.22
N PHE A 324 -29.02 -13.59 20.58
CA PHE A 324 -28.21 -12.56 19.95
C PHE A 324 -28.96 -11.98 18.76
N ASP A 325 -28.71 -10.71 18.48
CA ASP A 325 -29.41 -10.01 17.41
C ASP A 325 -28.65 -10.23 16.11
N VAL A 326 -29.23 -11.02 15.21
CA VAL A 326 -28.62 -11.35 13.92
C VAL A 326 -28.75 -10.16 12.98
N LYS A 327 -27.74 -9.29 12.99
CA LYS A 327 -27.61 -8.23 12.00
C LYS A 327 -27.36 -8.81 10.62
N ALA A 328 -27.78 -8.08 9.59
CA ALA A 328 -27.59 -8.45 8.19
C ALA A 328 -28.27 -9.77 7.86
N GLY A 329 -27.70 -10.53 6.92
CA GLY A 329 -28.31 -11.76 6.44
C GLY A 329 -27.37 -12.94 6.24
N ASP A 330 -27.17 -13.35 4.97
CA ASP A 330 -26.39 -14.53 4.61
C ASP A 330 -24.90 -14.37 4.89
N HIS A 331 -24.43 -13.15 5.18
CA HIS A 331 -23.01 -12.92 4.99
C HIS A 331 -22.16 -13.50 6.13
N PRO A 332 -20.91 -13.88 5.81
CA PRO A 332 -19.96 -14.35 6.86
C PRO A 332 -19.49 -13.27 7.83
N ILE A 333 -19.78 -12.00 7.57
CA ILE A 333 -19.48 -10.95 8.52
C ILE A 333 -20.69 -10.87 9.45
N ILE A 334 -20.51 -11.30 10.69
CA ILE A 334 -21.59 -11.29 11.65
C ILE A 334 -21.31 -10.19 12.67
N PRO A 335 -21.96 -9.06 12.58
CA PRO A 335 -21.70 -7.98 13.54
C PRO A 335 -22.59 -8.09 14.77
N ILE A 336 -21.97 -8.34 15.91
CA ILE A 336 -22.68 -8.49 17.18
C ILE A 336 -22.61 -7.14 17.87
N MET A 337 -23.68 -6.36 17.73
CA MET A 337 -23.71 -4.99 18.22
C MET A 337 -23.71 -4.95 19.75
N VAL A 338 -22.94 -4.02 20.31
CA VAL A 338 -23.01 -3.79 21.75
C VAL A 338 -23.08 -2.30 22.04
N TYR A 339 -22.87 -1.46 21.00
CA TYR A 339 -22.99 -0.01 21.07
C TYR A 339 -21.95 0.62 21.99
N ASP A 340 -21.91 0.22 23.26
CA ASP A 340 -20.93 0.75 24.20
C ASP A 340 -19.55 0.20 23.88
N ALA A 341 -18.55 1.08 23.84
CA ALA A 341 -17.20 0.63 23.53
C ALA A 341 -16.66 -0.28 24.63
N ASP A 342 -16.83 0.11 25.90
CA ASP A 342 -16.27 -0.66 27.01
C ASP A 342 -16.82 -2.09 27.05
N LYS A 343 -18.12 -2.26 26.83
CA LYS A 343 -18.68 -3.61 26.80
C LYS A 343 -18.03 -4.43 25.69
N ALA A 344 -17.87 -3.83 24.51
CA ALA A 344 -17.14 -4.48 23.41
C ALA A 344 -15.76 -4.93 23.85
N GLN A 345 -15.03 -4.07 24.57
CA GLN A 345 -13.73 -4.47 25.08
C GLN A 345 -13.87 -5.61 26.09
N GLN A 346 -14.89 -5.53 26.95
CA GLN A 346 -15.08 -6.57 27.95
C GLN A 346 -15.44 -7.91 27.31
N LEU A 347 -16.40 -7.90 26.38
CA LEU A 347 -16.84 -9.14 25.73
C LEU A 347 -15.71 -9.81 24.95
N ALA A 348 -14.91 -9.01 24.24
CA ALA A 348 -13.77 -9.57 23.52
C ALA A 348 -12.75 -10.17 24.47
N GLN A 349 -12.44 -9.49 25.57
CA GLN A 349 -11.43 -10.01 26.49
C GLN A 349 -11.97 -11.13 27.36
N ARG A 350 -13.29 -11.26 27.47
CA ARG A 350 -13.86 -12.39 28.18
C ARG A 350 -13.97 -13.61 27.27
N LEU A 351 -14.17 -13.38 25.97
CA LEU A 351 -14.15 -14.50 25.02
C LEU A 351 -12.76 -15.07 24.87
N LEU A 352 -11.73 -14.26 25.11
CA LEU A 352 -10.36 -14.77 25.07
C LEU A 352 -10.06 -15.67 26.28
N GLU A 353 -10.72 -15.42 27.40
CA GLU A 353 -10.61 -16.31 28.54
C GLU A 353 -11.36 -17.60 28.30
N LEU A 354 -12.41 -17.56 27.47
CA LEU A 354 -13.16 -18.76 27.09
C LEU A 354 -12.64 -19.38 25.80
N GLY A 355 -11.47 -18.97 25.33
CA GLY A 355 -10.84 -19.59 24.18
C GLY A 355 -11.38 -19.18 22.82
N VAL A 356 -11.99 -18.00 22.70
CA VAL A 356 -12.40 -17.47 21.40
C VAL A 356 -11.66 -16.17 21.15
N TYR A 357 -11.26 -15.96 19.89
CA TYR A 357 -10.48 -14.79 19.46
C TYR A 357 -11.39 -13.97 18.55
N VAL A 358 -11.95 -12.89 19.11
CA VAL A 358 -12.51 -11.77 18.39
C VAL A 358 -12.01 -10.53 19.09
N VAL A 359 -12.21 -9.36 18.47
CA VAL A 359 -11.71 -8.11 19.02
C VAL A 359 -12.78 -7.02 18.90
N GLY A 360 -12.62 -5.99 19.71
CA GLY A 360 -13.61 -4.94 19.82
C GLY A 360 -13.44 -3.86 18.76
N PHE A 361 -14.53 -3.55 18.09
CA PHE A 361 -14.56 -2.41 17.17
C PHE A 361 -15.23 -1.25 17.89
N PHE A 362 -14.56 -0.09 17.86
CA PHE A 362 -15.07 1.15 18.42
C PHE A 362 -14.45 2.30 17.65
N TYR A 363 -14.83 3.50 17.99
CA TYR A 363 -14.36 4.68 17.29
C TYR A 363 -12.84 4.69 17.26
N PRO A 364 -12.20 5.04 16.13
CA PRO A 364 -12.86 5.52 14.91
C PRO A 364 -13.18 4.44 13.87
N VAL A 365 -13.03 3.15 14.21
CA VAL A 365 -13.31 2.10 13.22
C VAL A 365 -14.81 2.01 12.94
N VAL A 366 -15.64 2.17 13.96
CA VAL A 366 -17.10 2.26 13.80
C VAL A 366 -17.57 3.51 14.51
N PRO A 367 -18.72 4.08 14.12
CA PRO A 367 -19.17 5.34 14.71
C PRO A 367 -19.39 5.21 16.20
N LYS A 368 -19.22 6.33 16.91
CA LYS A 368 -19.43 6.34 18.35
C LYS A 368 -20.90 6.08 18.66
N GLY A 369 -21.13 5.28 19.71
CA GLY A 369 -22.46 4.79 20.01
C GLY A 369 -22.85 3.59 19.18
N GLN A 370 -21.89 2.98 18.48
CA GLN A 370 -22.14 1.85 17.59
C GLN A 370 -20.99 0.87 17.63
N ALA A 371 -20.37 0.69 18.81
CA ALA A 371 -19.34 -0.33 18.96
C ALA A 371 -19.89 -1.72 18.64
N ARG A 372 -19.00 -2.68 18.49
CA ARG A 372 -19.41 -4.02 18.06
C ARG A 372 -18.23 -4.98 18.09
N ILE A 373 -18.58 -6.26 18.08
CA ILE A 373 -17.69 -7.35 17.71
C ILE A 373 -18.03 -7.73 16.28
N ARG A 374 -17.04 -7.81 15.41
CA ARG A 374 -17.25 -8.39 14.10
C ARG A 374 -16.75 -9.83 14.15
N VAL A 375 -17.69 -10.76 14.14
CA VAL A 375 -17.38 -12.16 13.97
C VAL A 375 -17.23 -12.42 12.47
N GLN A 376 -16.17 -13.15 12.10
CA GLN A 376 -15.96 -13.49 10.70
C GLN A 376 -15.82 -14.99 10.54
N MET A 377 -16.64 -15.56 9.65
CA MET A 377 -16.64 -16.99 9.37
C MET A 377 -15.58 -17.34 8.34
N SER A 378 -14.85 -18.42 8.59
CA SER A 378 -13.99 -19.01 7.59
C SER A 378 -14.50 -20.39 7.21
N ALA A 379 -14.24 -20.78 5.96
CA ALA A 379 -14.54 -22.13 5.52
C ALA A 379 -13.79 -23.18 6.31
N LEU A 380 -12.75 -22.78 7.05
CA LEU A 380 -11.86 -23.73 7.70
C LEU A 380 -12.34 -24.16 9.07
N HIS A 381 -13.43 -23.59 9.58
CA HIS A 381 -13.88 -23.90 10.93
C HIS A 381 -14.52 -25.28 11.00
N ASP A 382 -13.99 -26.13 11.88
CA ASP A 382 -14.62 -27.42 12.14
C ASP A 382 -15.79 -27.27 13.12
N GLU A 383 -16.66 -28.28 13.13
CA GLU A 383 -17.86 -28.26 13.97
C GLU A 383 -17.50 -28.11 15.45
N ALA A 384 -16.47 -28.82 15.90
CA ALA A 384 -16.04 -28.72 17.29
C ALA A 384 -15.72 -27.27 17.64
N ALA A 385 -14.92 -26.60 16.81
CA ALA A 385 -14.56 -25.22 17.09
C ALA A 385 -15.79 -24.33 17.08
N LEU A 386 -16.72 -24.57 16.14
CA LEU A 386 -17.90 -23.72 16.02
C LEU A 386 -18.86 -23.93 17.20
N GLN A 387 -19.25 -25.18 17.45
CA GLN A 387 -20.10 -25.48 18.60
C GLN A 387 -19.43 -25.09 19.90
N ALA A 388 -18.10 -25.16 19.97
CA ALA A 388 -17.42 -24.63 21.15
C ALA A 388 -17.56 -23.12 21.24
N ALA A 389 -17.31 -22.41 20.13
CA ALA A 389 -17.40 -20.95 20.13
C ALA A 389 -18.82 -20.47 20.44
N LEU A 390 -19.84 -21.24 20.03
CA LEU A 390 -21.20 -20.90 20.42
C LEU A 390 -21.38 -20.98 21.94
N ASP A 391 -20.82 -22.00 22.58
CA ASP A 391 -20.87 -22.05 24.03
C ASP A 391 -20.22 -20.83 24.63
N ALA A 392 -18.99 -20.51 24.18
CA ALA A 392 -18.28 -19.38 24.73
C ALA A 392 -19.05 -18.08 24.48
N PHE A 393 -19.72 -17.97 23.34
CA PHE A 393 -20.56 -16.80 23.10
C PHE A 393 -21.81 -16.83 23.98
N GLY A 394 -22.28 -18.02 24.36
CA GLY A 394 -23.44 -18.11 25.21
C GLY A 394 -23.13 -17.70 26.64
N GLN A 395 -22.10 -18.31 27.23
CA GLN A 395 -21.68 -17.99 28.58
C GLN A 395 -21.45 -16.49 28.73
N ALA A 396 -20.43 -15.98 28.05
CA ALA A 396 -20.13 -14.54 28.10
C ALA A 396 -21.33 -13.71 27.68
N GLY A 397 -22.09 -14.19 26.69
CA GLY A 397 -23.27 -13.48 26.20
C GLY A 397 -24.40 -13.37 27.22
N ARG A 398 -24.35 -14.15 28.29
CA ARG A 398 -25.20 -13.92 29.46
C ARG A 398 -24.44 -13.34 30.63
N GLU A 399 -23.19 -13.81 30.83
CA GLU A 399 -22.33 -13.41 31.93
C GLU A 399 -21.93 -11.93 31.90
N LEU A 400 -22.37 -11.20 30.87
CA LEU A 400 -22.10 -9.78 30.77
C LEU A 400 -23.34 -8.97 30.45
N GLY A 401 -24.48 -9.61 30.22
CA GLY A 401 -25.74 -8.93 30.09
C GLY A 401 -26.25 -8.77 28.69
N LEU A 402 -25.70 -9.49 27.72
CA LEU A 402 -26.16 -9.36 26.33
C LEU A 402 -27.42 -10.17 26.06
N ILE A 403 -27.71 -11.18 26.88
CA ILE A 403 -29.03 -11.80 27.02
C ILE A 403 -28.90 -12.99 27.98
N MET B 5 -25.98 8.74 -27.96
CA MET B 5 -24.73 8.37 -27.27
C MET B 5 -24.84 8.61 -25.78
N SER B 6 -24.75 7.54 -25.00
CA SER B 6 -25.01 7.59 -23.57
C SER B 6 -23.83 8.19 -22.82
N ASN B 7 -24.11 8.64 -21.57
CA ASN B 7 -23.09 9.35 -20.79
C ASN B 7 -21.89 8.45 -20.48
N ALA B 8 -22.17 7.19 -20.11
CA ALA B 8 -21.11 6.22 -19.83
C ALA B 8 -20.17 6.04 -21.02
N GLU B 9 -20.73 5.78 -22.21
CA GLU B 9 -19.89 5.54 -23.38
C GLU B 9 -19.09 6.78 -23.76
N ALA B 10 -19.65 7.97 -23.49
CA ALA B 10 -18.91 9.20 -23.72
C ALA B 10 -17.72 9.30 -22.78
N PHE B 11 -17.90 8.92 -21.52
CA PHE B 11 -16.78 8.82 -20.59
C PHE B 11 -15.70 7.91 -21.14
N TYR B 12 -16.07 6.72 -21.59
CA TYR B 12 -15.07 5.79 -22.12
C TYR B 12 -14.38 6.36 -23.34
N ALA B 13 -15.14 7.05 -24.20
CA ALA B 13 -14.52 7.73 -25.33
C ALA B 13 -13.55 8.82 -24.86
N SER B 14 -13.93 9.59 -23.85
CA SER B 14 -12.99 10.55 -23.26
C SER B 14 -11.68 9.89 -22.86
N ILE B 15 -11.78 8.74 -22.16
CA ILE B 15 -10.59 8.01 -21.72
C ILE B 15 -9.77 7.57 -22.93
N ARG B 16 -10.43 7.10 -23.99
CA ARG B 16 -9.71 6.68 -25.19
C ARG B 16 -9.04 7.87 -25.87
N THR B 17 -9.74 9.01 -25.94
CA THR B 17 -9.13 10.24 -26.43
C THR B 17 -7.91 10.63 -25.60
N GLU B 18 -7.98 10.49 -24.28
CA GLU B 18 -6.85 10.85 -23.43
C GLU B 18 -5.65 9.94 -23.69
N LEU B 19 -5.89 8.63 -23.77
CA LEU B 19 -4.80 7.70 -24.08
C LEU B 19 -4.09 8.09 -25.38
N GLU B 20 -4.86 8.33 -26.43
CA GLU B 20 -4.27 8.68 -27.72
C GLU B 20 -3.30 9.85 -27.59
N SER B 21 -3.73 10.95 -26.96
CA SER B 21 -2.87 12.12 -26.88
C SER B 21 -1.67 11.92 -25.95
N ILE B 22 -1.71 10.89 -25.09
CA ILE B 22 -0.52 10.51 -24.34
C ILE B 22 0.47 9.81 -25.27
N ARG B 23 -0.04 9.00 -26.21
CA ARG B 23 0.84 8.37 -27.19
C ARG B 23 1.43 9.40 -28.13
N ALA B 24 0.58 10.27 -28.69
CA ALA B 24 1.07 11.30 -29.59
C ALA B 24 2.10 12.20 -28.91
N ALA B 25 1.90 12.50 -27.62
CA ALA B 25 2.87 13.37 -26.97
C ALA B 25 4.17 12.65 -26.62
N GLY B 26 4.30 11.37 -26.90
CA GLY B 26 5.50 10.63 -26.54
C GLY B 26 5.54 10.23 -25.08
N LEU B 27 4.38 10.08 -24.45
CA LEU B 27 4.29 9.90 -23.01
C LEU B 27 3.68 8.57 -22.60
N PHE B 28 3.34 7.70 -23.54
CA PHE B 28 2.74 6.42 -23.22
C PHE B 28 3.83 5.46 -22.75
N LYS B 29 3.61 4.82 -21.61
CA LYS B 29 4.61 3.93 -21.02
C LYS B 29 4.29 2.49 -21.38
N ASN B 30 5.32 1.75 -21.80
CA ASN B 30 5.17 0.35 -22.18
C ASN B 30 5.98 -0.51 -21.22
N GLU B 31 5.35 -1.52 -20.65
CA GLU B 31 6.03 -2.38 -19.69
C GLU B 31 6.87 -3.46 -20.38
N ARG B 32 8.02 -3.76 -19.80
CA ARG B 32 8.84 -4.88 -20.23
C ARG B 32 8.58 -6.05 -19.29
N VAL B 33 8.36 -7.23 -19.86
CA VAL B 33 8.02 -8.41 -19.09
C VAL B 33 9.32 -9.13 -18.75
N ILE B 34 9.70 -9.12 -17.49
CA ILE B 34 10.93 -9.79 -17.06
C ILE B 34 10.60 -11.22 -16.68
N ALA B 35 11.37 -12.16 -17.24
CA ALA B 35 11.11 -13.58 -17.03
C ALA B 35 11.92 -14.15 -15.87
N THR B 36 12.77 -13.36 -15.24
CA THR B 36 13.77 -13.81 -14.29
C THR B 36 13.63 -13.09 -12.98
N PRO B 37 14.31 -13.56 -11.93
CA PRO B 37 14.36 -12.77 -10.69
C PRO B 37 15.06 -11.45 -10.93
N GLN B 38 14.79 -10.51 -10.02
CA GLN B 38 15.54 -9.27 -10.01
C GLN B 38 17.01 -9.56 -9.75
N GLY B 39 17.88 -8.82 -10.43
CA GLY B 39 19.30 -8.98 -10.20
C GLY B 39 20.09 -8.02 -11.05
N ALA B 40 21.41 -8.19 -11.00
CA ALA B 40 22.30 -7.33 -11.78
C ALA B 40 22.11 -7.54 -13.28
N ARG B 41 21.92 -8.77 -13.69
CA ARG B 41 21.48 -9.06 -15.05
C ARG B 41 20.12 -9.71 -15.01
N VAL B 42 19.37 -9.55 -16.09
CA VAL B 42 17.96 -9.86 -16.14
C VAL B 42 17.64 -10.27 -17.57
N ARG B 43 16.62 -11.11 -17.74
CA ARG B 43 16.19 -11.52 -19.06
C ARG B 43 14.69 -11.29 -19.19
N THR B 44 14.30 -10.54 -20.22
CA THR B 44 12.89 -10.42 -20.56
C THR B 44 12.41 -11.72 -21.19
N THR B 45 11.10 -11.78 -21.46
CA THR B 45 10.58 -13.00 -22.04
C THR B 45 11.00 -13.19 -23.49
N ASP B 46 11.63 -12.20 -24.12
CA ASP B 46 12.19 -12.39 -25.47
C ASP B 46 13.59 -13.03 -25.46
N GLY B 47 14.00 -13.64 -24.35
CA GLY B 47 15.29 -14.28 -24.27
C GLY B 47 16.48 -13.37 -24.09
N ARG B 48 16.37 -12.09 -24.45
CA ARG B 48 17.53 -11.20 -24.33
C ARG B 48 17.90 -11.00 -22.86
N GLU B 49 19.19 -11.15 -22.56
CA GLU B 49 19.71 -10.90 -21.21
C GLU B 49 20.50 -9.60 -21.21
N VAL B 50 20.12 -8.68 -20.32
CA VAL B 50 20.62 -7.31 -20.31
C VAL B 50 21.12 -6.97 -18.91
N ILE B 51 21.87 -5.87 -18.83
CA ILE B 51 22.39 -5.36 -17.57
C ILE B 51 21.38 -4.41 -16.97
N ASN B 52 20.98 -4.66 -15.72
CA ASN B 52 19.96 -3.85 -15.04
C ASN B 52 20.64 -2.69 -14.30
N LEU B 53 20.41 -1.48 -14.80
CA LEU B 53 20.85 -0.27 -14.11
C LEU B 53 19.67 0.66 -13.80
N CYS B 54 18.52 0.08 -13.40
CA CYS B 54 17.40 0.97 -13.13
C CYS B 54 16.49 0.43 -12.02
N ALA B 55 16.97 -0.46 -11.15
CA ALA B 55 16.20 -1.00 -10.03
C ALA B 55 16.50 -0.22 -8.76
N ASN B 56 15.64 -0.40 -7.75
CA ASN B 56 15.93 0.06 -6.40
C ASN B 56 16.66 -1.00 -5.59
N ASN B 57 17.18 -2.04 -6.25
CA ASN B 57 17.94 -3.13 -5.65
C ASN B 57 19.32 -2.67 -5.22
N TYR B 58 19.39 -1.55 -4.48
CA TYR B 58 20.66 -0.86 -4.26
C TYR B 58 21.71 -1.76 -3.62
N LEU B 59 21.30 -2.65 -2.73
CA LEU B 59 22.24 -3.49 -2.01
C LEU B 59 22.29 -4.91 -2.54
N GLY B 60 21.49 -5.22 -3.55
CA GLY B 60 21.43 -6.54 -4.11
C GLY B 60 20.70 -7.57 -3.27
N LEU B 61 19.97 -7.12 -2.26
CA LEU B 61 19.26 -8.02 -1.37
C LEU B 61 17.95 -8.57 -1.96
N SER B 62 17.51 -8.07 -3.11
CA SER B 62 16.22 -8.49 -3.65
C SER B 62 16.20 -9.96 -4.01
N SER B 63 17.36 -10.51 -4.42
CA SER B 63 17.51 -11.94 -4.72
C SER B 63 18.70 -12.55 -3.96
N HIS B 64 19.15 -11.90 -2.89
CA HIS B 64 20.20 -12.44 -2.04
C HIS B 64 19.78 -13.78 -1.45
N PRO B 65 20.57 -14.84 -1.64
CA PRO B 65 20.12 -16.17 -1.20
C PRO B 65 19.72 -16.28 0.27
N GLN B 66 20.39 -15.59 1.20
CA GLN B 66 19.95 -15.61 2.60
C GLN B 66 18.63 -14.88 2.80
N VAL B 67 18.38 -13.84 2.02
CA VAL B 67 17.08 -13.19 2.08
C VAL B 67 16.01 -14.13 1.55
N ILE B 68 16.29 -14.82 0.43
CA ILE B 68 15.30 -15.75 -0.12
C ILE B 68 15.04 -16.90 0.85
N GLU B 69 16.08 -17.35 1.54
CA GLU B 69 15.89 -18.45 2.50
C GLU B 69 15.11 -18.00 3.73
N ALA B 70 15.29 -16.76 4.17
CA ALA B 70 14.53 -16.28 5.33
C ALA B 70 13.04 -16.17 4.99
N ALA B 71 12.72 -15.74 3.76
CA ALA B 71 11.34 -15.76 3.30
C ALA B 71 10.78 -17.19 3.31
N HIS B 72 11.56 -18.16 2.83
CA HIS B 72 11.15 -19.57 2.91
C HIS B 72 10.81 -19.99 4.33
N GLU B 73 11.73 -19.76 5.27
CA GLU B 73 11.50 -20.20 6.64
C GLU B 73 10.30 -19.48 7.25
N ALA B 74 10.17 -18.17 6.98
CA ALA B 74 8.99 -17.44 7.44
C ALA B 74 7.71 -18.06 6.90
N LEU B 75 7.71 -18.49 5.64
CA LEU B 75 6.56 -19.21 5.13
C LEU B 75 6.29 -20.46 5.96
N ARG B 76 7.34 -21.21 6.31
CA ARG B 76 7.18 -22.44 7.06
C ARG B 76 6.59 -22.15 8.44
N THR B 77 7.19 -21.22 9.17
CA THR B 77 6.86 -21.05 10.58
C THR B 77 5.65 -20.13 10.77
N HIS B 78 5.52 -19.07 9.96
CA HIS B 78 4.51 -18.04 10.19
C HIS B 78 3.53 -17.85 9.03
N GLY B 79 3.50 -18.78 8.07
CA GLY B 79 2.47 -18.77 7.07
C GLY B 79 2.66 -17.76 5.95
N PHE B 80 1.66 -17.71 5.07
CA PHE B 80 1.73 -16.91 3.84
C PHE B 80 1.00 -15.58 3.97
N GLY B 81 -0.28 -15.60 4.37
CA GLY B 81 -1.04 -14.40 4.59
C GLY B 81 -1.56 -14.33 6.00
N LEU B 82 -1.76 -13.10 6.50
CA LEU B 82 -2.44 -12.90 7.77
C LEU B 82 -3.89 -12.46 7.61
N SER B 83 -4.24 -11.90 6.44
CA SER B 83 -5.60 -11.49 6.12
C SER B 83 -6.24 -10.66 7.25
N SER B 84 -5.43 -9.78 7.86
CA SER B 84 -5.97 -8.91 8.89
C SER B 84 -5.12 -7.66 9.02
N VAL B 85 -5.77 -6.53 9.30
CA VAL B 85 -5.05 -5.35 9.75
C VAL B 85 -4.39 -5.69 11.10
N ARG B 86 -3.52 -4.80 11.57
CA ARG B 86 -2.71 -5.16 12.72
C ARG B 86 -3.53 -5.30 14.01
N PHE B 87 -4.53 -4.45 14.23
CA PHE B 87 -5.18 -4.41 15.54
C PHE B 87 -6.19 -5.54 15.74
N ILE B 88 -6.31 -6.47 14.80
CA ILE B 88 -7.31 -7.52 14.90
C ILE B 88 -6.59 -8.84 15.14
N CYS B 89 -6.27 -9.58 14.07
CA CYS B 89 -5.39 -10.75 14.15
C CYS B 89 -4.22 -10.61 13.17
N GLY B 90 -3.79 -9.39 12.91
CA GLY B 90 -2.72 -9.16 11.99
C GLY B 90 -1.34 -8.94 12.59
N THR B 91 -1.19 -9.11 13.91
CA THR B 91 0.09 -8.87 14.56
C THR B 91 0.73 -10.18 14.98
N GLN B 92 1.89 -10.48 14.42
CA GLN B 92 2.69 -11.62 14.81
C GLN B 92 3.92 -11.14 15.55
N ASP B 93 4.60 -12.08 16.23
CA ASP B 93 5.84 -11.72 16.91
C ASP B 93 6.86 -11.12 15.95
N LEU B 94 6.76 -11.44 14.66
CA LEU B 94 7.73 -10.92 13.69
C LEU B 94 7.61 -9.41 13.53
N HIS B 95 6.38 -8.91 13.35
CA HIS B 95 6.18 -7.48 13.22
C HIS B 95 6.78 -6.72 14.41
N LYS B 96 6.56 -7.22 15.64
CA LYS B 96 7.11 -6.56 16.81
C LYS B 96 8.64 -6.54 16.78
N THR B 97 9.24 -7.69 16.53
CA THR B 97 10.69 -7.79 16.43
C THR B 97 11.25 -6.80 15.40
N LEU B 98 10.64 -6.75 14.22
CA LEU B 98 11.18 -5.90 13.16
C LEU B 98 11.01 -4.42 13.50
N GLU B 99 9.86 -4.05 14.08
CA GLU B 99 9.67 -2.68 14.50
C GLU B 99 10.75 -2.25 15.49
N ALA B 100 11.12 -3.16 16.40
CA ALA B 100 12.23 -2.89 17.31
C ALA B 100 13.56 -2.81 16.57
N ARG B 101 13.86 -3.79 15.71
CA ARG B 101 15.15 -3.80 15.04
C ARG B 101 15.36 -2.55 14.21
N LEU B 102 14.28 -2.04 13.60
CA LEU B 102 14.33 -0.84 12.76
C LEU B 102 14.56 0.39 13.62
N SER B 103 13.88 0.47 14.75
CA SER B 103 14.09 1.59 15.67
C SER B 103 15.54 1.67 16.08
N ALA B 104 16.10 0.53 16.50
CA ALA B 104 17.53 0.45 16.77
C ALA B 104 18.34 0.87 15.55
N PHE B 105 17.99 0.34 14.37
CA PHE B 105 18.77 0.64 13.18
C PHE B 105 18.71 2.12 12.83
N LEU B 106 17.55 2.76 13.01
CA LEU B 106 17.38 4.12 12.51
C LEU B 106 17.69 5.19 13.53
N GLY B 107 17.72 4.85 14.81
CA GLY B 107 18.00 5.80 15.87
C GLY B 107 16.79 6.26 16.65
N THR B 108 15.69 5.52 16.60
CA THR B 108 14.40 5.98 17.06
C THR B 108 13.93 5.12 18.21
N GLU B 109 12.91 5.61 18.91
CA GLU B 109 12.36 4.88 20.04
C GLU B 109 11.38 3.79 19.60
N ASP B 110 10.64 4.00 18.52
CA ASP B 110 9.69 2.98 18.08
C ASP B 110 9.42 3.12 16.59
N THR B 111 8.79 2.10 16.04
CA THR B 111 8.48 2.04 14.63
C THR B 111 7.07 1.49 14.44
N ILE B 112 6.38 1.98 13.42
CA ILE B 112 5.10 1.41 13.02
C ILE B 112 5.19 1.00 11.55
N LEU B 113 4.80 -0.24 11.26
CA LEU B 113 4.86 -0.79 9.90
C LEU B 113 3.61 -0.46 9.09
N TYR B 114 3.82 -0.13 7.82
CA TYR B 114 2.74 0.03 6.86
C TYR B 114 2.95 -0.96 5.71
N GLY B 115 1.93 -1.06 4.85
CA GLY B 115 2.04 -1.87 3.66
C GLY B 115 3.03 -1.34 2.64
N SER B 116 3.39 -0.06 2.72
CA SER B 116 4.34 0.53 1.80
C SER B 116 4.82 1.83 2.42
N ALA B 117 5.86 2.41 1.82
CA ALA B 117 6.22 3.81 2.11
C ALA B 117 5.15 4.78 1.62
N PHE B 118 4.55 4.47 0.46
CA PHE B 118 3.49 5.32 -0.07
C PHE B 118 2.40 5.52 0.98
N ASP B 119 2.00 4.44 1.66
CA ASP B 119 0.97 4.54 2.68
C ASP B 119 1.51 5.05 4.00
N ALA B 120 2.81 4.87 4.28
CA ALA B 120 3.39 5.48 5.47
C ALA B 120 3.26 6.99 5.41
N ASN B 121 3.59 7.56 4.25
CA ASN B 121 3.40 9.00 4.03
C ASN B 121 1.93 9.35 3.95
N GLY B 122 1.12 8.49 3.31
CA GLY B 122 -0.30 8.72 3.20
C GLY B 122 -0.98 8.98 4.54
N GLY B 123 -0.60 8.21 5.57
CA GLY B 123 -1.19 8.30 6.87
C GLY B 123 -0.42 9.08 7.93
N LEU B 124 0.66 9.77 7.57
CA LEU B 124 1.42 10.52 8.57
C LEU B 124 0.67 11.80 8.92
N PHE B 125 0.67 12.76 8.00
CA PHE B 125 0.36 14.14 8.34
C PHE B 125 -1.06 14.29 8.90
N GLU B 126 -2.02 13.55 8.33
CA GLU B 126 -3.41 13.67 8.77
C GLU B 126 -3.59 13.23 10.22
N THR B 127 -2.74 12.33 10.70
CA THR B 127 -2.87 11.85 12.06
C THR B 127 -2.18 12.74 13.09
N LEU B 128 -1.17 13.50 12.68
CA LEU B 128 -0.37 14.27 13.62
C LEU B 128 -0.71 15.75 13.63
N LEU B 129 -1.15 16.31 12.50
CA LEU B 129 -1.25 17.75 12.32
C LEU B 129 -2.68 18.14 11.98
N GLY B 130 -3.08 19.32 12.45
CA GLY B 130 -4.42 19.83 12.19
C GLY B 130 -4.44 21.13 11.42
N ALA B 131 -5.62 21.72 11.29
CA ALA B 131 -5.76 22.93 10.49
C ALA B 131 -4.92 24.08 11.04
N GLU B 132 -4.66 24.06 12.32
CA GLU B 132 -3.88 25.09 12.99
C GLU B 132 -2.37 24.90 12.84
N ASP B 133 -1.90 23.86 12.13
CA ASP B 133 -0.49 23.55 12.01
C ASP B 133 0.00 23.80 10.59
N ALA B 134 1.26 23.49 10.34
CA ALA B 134 1.87 23.78 9.05
C ALA B 134 2.82 22.65 8.66
N VAL B 135 3.00 22.50 7.36
CA VAL B 135 3.98 21.57 6.80
C VAL B 135 4.78 22.36 5.78
N ILE B 136 6.10 22.33 5.92
CA ILE B 136 7.00 22.94 4.97
C ILE B 136 7.71 21.82 4.22
N SER B 137 7.61 21.86 2.89
CA SER B 137 8.05 20.78 2.02
C SER B 137 9.03 21.31 0.99
N ASP B 138 10.10 20.55 0.77
CA ASP B 138 10.92 20.76 -0.42
C ASP B 138 10.03 20.65 -1.65
N ALA B 139 10.24 21.55 -2.60
CA ALA B 139 9.36 21.65 -3.77
C ALA B 139 9.29 20.34 -4.54
N LEU B 140 10.36 19.55 -4.53
CA LEU B 140 10.42 18.29 -5.26
C LEU B 140 10.10 17.07 -4.38
N ASN B 141 9.41 17.28 -3.25
CA ASN B 141 9.07 16.16 -2.37
C ASN B 141 8.33 15.09 -3.16
N HIS B 142 8.40 13.86 -2.67
CA HIS B 142 7.82 12.72 -3.37
C HIS B 142 6.29 12.82 -3.45
N ALA B 143 5.73 12.32 -4.57
CA ALA B 143 4.29 12.37 -4.77
C ALA B 143 3.51 11.84 -3.56
N SER B 144 4.00 10.78 -2.92
CA SER B 144 3.30 10.21 -1.77
C SER B 144 3.28 11.16 -0.60
N ILE B 145 4.30 12.03 -0.48
CA ILE B 145 4.33 13.02 0.59
C ILE B 145 3.33 14.12 0.32
N ILE B 146 3.30 14.59 -0.93
CA ILE B 146 2.31 15.58 -1.33
C ILE B 146 0.91 15.07 -1.08
N ASP B 147 0.69 13.77 -1.28
CA ASP B 147 -0.65 13.20 -1.11
C ASP B 147 -0.99 13.01 0.36
N GLY B 148 0.00 12.61 1.18
CA GLY B 148 -0.21 12.63 2.62
C GLY B 148 -0.59 14.01 3.13
N VAL B 149 0.14 15.04 2.70
CA VAL B 149 -0.14 16.41 3.15
C VAL B 149 -1.52 16.86 2.68
N ARG B 150 -1.86 16.57 1.40
CA ARG B 150 -3.19 16.89 0.87
C ARG B 150 -4.33 16.32 1.72
N LEU B 151 -4.13 15.14 2.32
CA LEU B 151 -5.16 14.52 3.13
C LEU B 151 -5.30 15.12 4.52
N SER B 152 -4.36 15.96 4.94
CA SER B 152 -4.45 16.60 6.25
C SER B 152 -5.00 18.02 6.09
N LYS B 153 -5.23 18.67 7.24
CA LYS B 153 -5.80 20.01 7.25
C LYS B 153 -4.74 21.07 7.50
N ALA B 154 -3.47 20.68 7.57
CA ALA B 154 -2.39 21.61 7.86
C ALA B 154 -2.22 22.60 6.72
N ARG B 155 -1.78 23.80 7.07
CA ARG B 155 -1.39 24.75 6.04
C ARG B 155 -0.10 24.29 5.39
N ARG B 156 0.02 24.56 4.09
CA ARG B 156 1.11 24.02 3.30
C ARG B 156 2.01 25.14 2.80
N TYR B 157 3.27 25.07 3.15
CA TYR B 157 4.31 25.89 2.56
C TYR B 157 5.29 25.00 1.82
N ARG B 158 6.00 25.62 0.90
CA ARG B 158 6.88 24.96 -0.05
C ARG B 158 8.12 25.83 -0.18
N TYR B 159 9.31 25.24 0.01
CA TYR B 159 10.53 26.00 -0.20
C TYR B 159 11.23 25.47 -1.45
N GLN B 160 12.02 26.33 -2.08
CA GLN B 160 12.71 25.93 -3.31
C GLN B 160 13.62 24.75 -3.01
N HIS B 161 13.83 23.92 -4.05
CA HIS B 161 14.58 22.69 -3.92
C HIS B 161 15.93 22.91 -3.22
N ASN B 162 16.09 22.27 -2.07
CA ASN B 162 17.32 22.24 -1.28
C ASN B 162 17.84 23.65 -0.94
N ASP B 163 16.99 24.66 -1.04
CA ASP B 163 17.35 26.07 -0.82
C ASP B 163 17.15 26.40 0.65
N MET B 164 18.25 26.50 1.41
CA MET B 164 18.15 26.71 2.85
C MET B 164 17.67 28.10 3.21
N ASP B 165 17.95 29.10 2.37
CA ASP B 165 17.41 30.43 2.65
C ASP B 165 15.90 30.46 2.47
N ASP B 166 15.38 29.83 1.40
CA ASP B 166 13.93 29.85 1.20
C ASP B 166 13.21 29.05 2.28
N LEU B 167 13.81 27.96 2.74
CA LEU B 167 13.27 27.26 3.90
C LEU B 167 13.08 28.21 5.08
N ARG B 168 14.01 29.14 5.28
CA ARG B 168 13.84 30.09 6.38
C ARG B 168 12.70 31.08 6.10
N VAL B 169 12.47 31.42 4.83
CA VAL B 169 11.38 32.34 4.49
C VAL B 169 10.03 31.71 4.83
N GLN B 170 9.83 30.44 4.46
CA GLN B 170 8.57 29.77 4.78
C GLN B 170 8.40 29.61 6.29
N LEU B 171 9.47 29.28 6.99
CA LEU B 171 9.35 29.13 8.44
C LEU B 171 8.96 30.45 9.10
N GLU B 172 9.57 31.55 8.66
CA GLU B 172 9.14 32.88 9.08
C GLU B 172 7.67 33.11 8.76
N GLN B 173 7.30 32.94 7.48
CA GLN B 173 5.93 33.18 7.08
C GLN B 173 4.95 32.33 7.88
N ALA B 174 5.28 31.05 8.11
CA ALA B 174 4.36 30.17 8.81
C ALA B 174 4.14 30.65 10.24
N ARG B 175 5.22 30.99 10.94
CA ARG B 175 5.08 31.65 12.24
C ARG B 175 4.25 32.94 12.12
N ALA B 176 4.57 33.77 11.12
CA ALA B 176 3.84 35.02 10.92
C ALA B 176 2.37 34.76 10.62
N ASP B 177 2.08 33.70 9.86
CA ASP B 177 0.70 33.30 9.62
C ASP B 177 0.09 32.59 10.81
N GLY B 178 0.84 32.42 11.90
CA GLY B 178 0.29 31.94 13.15
C GLY B 178 0.27 30.44 13.34
N ALA B 179 1.20 29.70 12.73
CA ALA B 179 1.19 28.26 12.84
C ALA B 179 1.44 27.81 14.26
N ARG B 180 0.66 26.83 14.71
CA ARG B 180 0.89 26.22 16.01
C ARG B 180 2.16 25.38 15.97
N TYR B 181 2.05 24.11 15.60
CA TYR B 181 3.24 23.32 15.36
C TYR B 181 3.61 23.34 13.88
N THR B 182 4.91 23.18 13.62
CA THR B 182 5.44 23.19 12.26
C THR B 182 6.28 21.95 12.07
N LEU B 183 6.05 21.26 10.96
CA LEU B 183 6.85 20.10 10.56
C LEU B 183 7.46 20.44 9.22
N VAL B 184 8.78 20.38 9.15
CA VAL B 184 9.51 20.53 7.90
C VAL B 184 9.77 19.13 7.35
N PHE B 185 9.35 18.89 6.10
CA PHE B 185 9.43 17.54 5.55
C PHE B 185 10.11 17.55 4.18
N SER B 186 10.88 16.48 3.95
CA SER B 186 11.78 16.40 2.82
C SER B 186 12.13 14.94 2.56
N ASP B 187 12.27 14.62 1.28
CA ASP B 187 13.03 13.45 0.88
C ASP B 187 14.39 13.51 1.57
N GLY B 188 14.83 12.37 2.09
CA GLY B 188 16.24 12.25 2.48
C GLY B 188 17.14 12.35 1.28
N VAL B 189 17.00 11.39 0.36
CA VAL B 189 17.56 11.44 -0.98
C VAL B 189 16.39 11.54 -1.97
N PHE B 190 16.53 12.41 -2.96
CA PHE B 190 15.40 12.73 -3.83
C PHE B 190 15.31 11.78 -5.01
N SER B 191 14.08 11.32 -5.27
CA SER B 191 13.77 10.26 -6.23
C SER B 191 14.35 10.52 -7.62
N MET B 192 14.14 11.72 -8.17
CA MET B 192 14.41 11.92 -9.59
C MET B 192 15.71 12.63 -9.91
N ASP B 193 16.45 13.12 -8.92
CA ASP B 193 17.73 13.74 -9.23
C ASP B 193 18.87 13.26 -8.35
N GLY B 194 18.61 12.46 -7.34
CA GLY B 194 19.69 11.89 -6.57
C GLY B 194 20.30 12.81 -5.54
N THR B 195 19.85 14.06 -5.44
CA THR B 195 20.43 14.97 -4.48
C THR B 195 20.10 14.56 -3.05
N VAL B 196 20.96 14.98 -2.13
CA VAL B 196 20.87 14.62 -0.72
C VAL B 196 20.37 15.85 0.03
N ALA B 197 19.32 15.67 0.82
CA ALA B 197 18.83 16.77 1.64
C ALA B 197 19.93 17.24 2.59
N ARG B 198 20.02 18.55 2.75
CA ARG B 198 20.96 19.17 3.70
C ARG B 198 20.37 19.09 5.10
N LEU B 199 20.23 17.85 5.58
CA LEU B 199 19.64 17.61 6.89
C LEU B 199 20.34 18.43 7.99
N ASP B 200 21.65 18.64 7.87
CA ASP B 200 22.39 19.29 8.95
C ASP B 200 21.98 20.75 9.09
N GLU B 201 21.91 21.50 7.98
CA GLU B 201 21.38 22.86 8.06
C GLU B 201 19.92 22.86 8.51
N MET B 202 19.12 21.94 7.98
CA MET B 202 17.69 21.96 8.26
C MET B 202 17.43 21.72 9.74
N ARG B 203 18.17 20.81 10.35
CA ARG B 203 17.99 20.53 11.77
C ARG B 203 18.32 21.76 12.61
N ALA B 204 19.32 22.54 12.20
CA ALA B 204 19.64 23.78 12.90
C ALA B 204 18.61 24.86 12.58
N ILE B 205 18.20 24.97 11.30
CA ILE B 205 17.18 25.95 10.93
C ILE B 205 15.88 25.63 11.64
N CYS B 206 15.53 24.33 11.74
CA CYS B 206 14.30 23.93 12.41
C CYS B 206 14.37 24.18 13.89
N ASP B 207 15.57 24.20 14.45
CA ASP B 207 15.73 24.37 15.88
C ASP B 207 15.50 25.82 16.29
N GLU B 208 15.99 26.77 15.49
CA GLU B 208 15.71 28.18 15.77
C GLU B 208 14.23 28.41 16.00
N TYR B 209 13.38 27.79 15.16
CA TYR B 209 11.96 28.06 15.17
C TYR B 209 11.18 27.03 15.95
N GLY B 210 11.85 26.03 16.53
CA GLY B 210 11.13 25.00 17.25
C GLY B 210 10.28 24.14 16.35
N ALA B 211 10.67 23.99 15.08
CA ALA B 211 9.95 23.18 14.11
C ALA B 211 10.38 21.72 14.20
N LEU B 212 9.52 20.85 13.72
CA LEU B 212 9.87 19.45 13.62
C LEU B 212 10.56 19.21 12.29
N LEU B 213 11.41 18.19 12.25
CA LEU B 213 12.05 17.74 11.02
C LEU B 213 11.62 16.30 10.73
N GLY B 214 11.09 16.09 9.53
CA GLY B 214 10.72 14.75 9.09
C GLY B 214 11.33 14.49 7.73
N ILE B 215 11.73 13.24 7.52
CA ILE B 215 12.49 12.87 6.32
C ILE B 215 11.94 11.56 5.76
N ASP B 216 11.94 11.46 4.43
CA ASP B 216 11.57 10.24 3.72
C ASP B 216 12.87 9.56 3.28
N GLU B 217 13.08 8.32 3.72
CA GLU B 217 14.38 7.68 3.59
C GLU B 217 14.41 6.48 2.64
N CYS B 218 13.49 6.39 1.68
CA CYS B 218 13.51 5.27 0.73
C CYS B 218 14.82 5.11 -0.02
N HIS B 219 15.36 6.20 -0.56
CA HIS B 219 16.57 6.11 -1.36
C HIS B 219 17.82 6.33 -0.52
N ALA B 220 17.77 5.90 0.73
CA ALA B 220 18.83 6.14 1.67
C ALA B 220 19.02 4.93 2.57
N THR B 221 17.92 4.43 3.16
CA THR B 221 18.05 3.41 4.21
C THR B 221 18.77 2.17 3.72
N GLY B 222 19.81 1.77 4.46
CA GLY B 222 20.61 0.61 4.15
C GLY B 222 22.01 0.93 3.67
N PHE B 223 22.19 2.08 3.00
CA PHE B 223 23.43 2.34 2.29
C PHE B 223 23.93 3.77 2.37
N MET B 224 23.13 4.73 2.84
CA MET B 224 23.61 6.08 3.10
C MET B 224 24.16 6.15 4.51
N GLY B 225 25.23 6.92 4.69
CA GLY B 225 25.95 6.97 5.96
C GLY B 225 27.06 5.94 6.02
N GLN B 226 27.94 6.13 7.02
CA GLN B 226 29.08 5.22 7.17
C GLN B 226 28.60 3.79 7.41
N ARG B 227 27.68 3.62 8.36
CA ARG B 227 27.13 2.31 8.68
C ARG B 227 25.80 2.06 7.96
N GLY B 228 25.55 2.76 6.85
CA GLY B 228 24.35 2.56 6.04
C GLY B 228 23.02 2.86 6.71
N ARG B 229 22.98 3.72 7.73
CA ARG B 229 21.78 3.93 8.52
C ARG B 229 20.82 4.96 7.93
N GLY B 230 21.27 5.78 6.98
CA GLY B 230 20.38 6.71 6.31
C GLY B 230 20.99 8.07 6.02
N THR B 231 20.24 8.95 5.36
CA THR B 231 20.69 10.31 5.10
C THR B 231 21.03 11.05 6.38
N HIS B 232 20.44 10.66 7.51
CA HIS B 232 20.70 11.38 8.75
C HIS B 232 22.06 11.02 9.35
N GLU B 233 22.47 9.74 9.24
CA GLU B 233 23.84 9.39 9.61
C GLU B 233 24.85 10.14 8.75
N ALA B 234 24.60 10.19 7.44
CA ALA B 234 25.52 10.84 6.51
C ALA B 234 25.61 12.35 6.72
N ARG B 235 24.64 12.95 7.42
CA ARG B 235 24.69 14.35 7.79
C ARG B 235 24.95 14.55 9.29
N GLY B 236 25.22 13.47 10.02
CA GLY B 236 25.57 13.59 11.41
C GLY B 236 24.45 14.09 12.29
N VAL B 237 23.21 13.72 11.98
CA VAL B 237 22.05 14.04 12.81
C VAL B 237 21.40 12.79 13.37
N PHE B 238 22.05 11.63 13.24
CA PHE B 238 21.50 10.36 13.70
C PHE B 238 21.07 10.48 15.15
N GLY B 239 19.88 9.96 15.45
CA GLY B 239 19.28 10.12 16.76
C GLY B 239 18.57 11.44 16.99
N LYS B 240 18.57 12.34 16.00
CA LYS B 240 18.05 13.69 16.16
C LYS B 240 16.97 14.01 15.13
N ILE B 241 16.18 13.03 14.71
CA ILE B 241 15.15 13.23 13.69
C ILE B 241 13.79 12.96 14.32
N ASP B 242 12.86 13.89 14.11
CA ASP B 242 11.53 13.71 14.67
C ASP B 242 10.77 12.58 13.97
N ILE B 243 10.82 12.53 12.64
CA ILE B 243 10.03 11.56 11.88
C ILE B 243 10.87 11.01 10.75
N ILE B 244 10.97 9.68 10.67
CA ILE B 244 11.52 9.00 9.51
C ILE B 244 10.42 8.15 8.88
N THR B 245 10.11 8.42 7.61
CA THR B 245 9.28 7.51 6.83
C THR B 245 10.19 6.78 5.85
N GLY B 246 9.78 5.59 5.45
CA GLY B 246 10.61 4.83 4.53
C GLY B 246 10.01 3.49 4.20
N THR B 247 10.70 2.80 3.29
CA THR B 247 10.27 1.60 2.58
C THR B 247 11.13 0.42 2.97
N LEU B 248 10.59 -0.78 2.72
CA LEU B 248 11.39 -2.00 2.65
C LEU B 248 11.55 -2.51 1.22
N GLY B 249 10.88 -1.91 0.25
CA GLY B 249 10.89 -2.39 -1.11
C GLY B 249 11.97 -1.79 -1.97
N ALA B 250 12.94 -1.10 -1.36
CA ALA B 250 14.06 -0.55 -2.11
C ALA B 250 15.30 -1.31 -1.64
N ALA B 251 16.16 -0.72 -0.83
CA ALA B 251 17.42 -1.40 -0.53
C ALA B 251 17.22 -2.60 0.38
N LEU B 252 16.15 -2.61 1.19
CA LEU B 252 16.01 -3.53 2.30
C LEU B 252 15.21 -4.77 1.96
N GLY B 253 15.21 -5.18 0.69
CA GLY B 253 14.59 -6.43 0.31
C GLY B 253 13.84 -6.37 -1.01
N GLY B 254 13.14 -5.28 -1.24
CA GLY B 254 12.55 -5.06 -2.54
C GLY B 254 11.19 -5.67 -2.74
N ALA B 255 10.57 -6.19 -1.69
CA ALA B 255 9.33 -6.95 -1.83
C ALA B 255 8.10 -6.10 -1.53
N SER B 256 7.96 -5.64 -0.29
CA SER B 256 6.82 -4.81 0.10
C SER B 256 7.11 -4.17 1.46
N GLY B 257 6.14 -3.40 1.95
CA GLY B 257 6.21 -2.83 3.29
C GLY B 257 6.82 -1.44 3.34
N GLY B 258 6.52 -0.75 4.43
CA GLY B 258 7.16 0.49 4.76
C GLY B 258 7.10 0.72 6.26
N PHE B 259 7.29 1.98 6.68
CA PHE B 259 7.32 2.24 8.11
C PHE B 259 7.43 3.73 8.37
N THR B 260 7.02 4.12 9.57
CA THR B 260 7.42 5.41 10.11
C THR B 260 8.02 5.23 11.50
N SER B 261 9.20 5.84 11.70
CA SER B 261 10.00 5.72 12.92
C SER B 261 10.00 7.05 13.67
N ALA B 262 9.62 7.02 14.95
CA ALA B 262 9.40 8.24 15.69
C ALA B 262 9.46 7.96 17.20
N ARG B 263 9.38 9.03 18.01
CA ARG B 263 9.31 8.86 19.45
C ARG B 263 8.10 8.01 19.79
N LYS B 264 8.19 7.27 20.90
CA LYS B 264 7.19 6.24 21.16
C LYS B 264 5.76 6.79 21.15
N GLU B 265 5.55 8.09 21.40
CA GLU B 265 4.17 8.57 21.48
C GLU B 265 3.61 8.89 20.09
N VAL B 266 4.43 9.40 19.17
CA VAL B 266 4.03 9.51 17.77
C VAL B 266 3.62 8.14 17.24
N VAL B 267 4.52 7.16 17.37
CA VAL B 267 4.22 5.83 16.85
C VAL B 267 2.94 5.29 17.47
N ALA B 268 2.77 5.49 18.79
CA ALA B 268 1.58 4.99 19.46
C ALA B 268 0.30 5.68 18.96
N LEU B 269 0.39 6.96 18.58
CA LEU B 269 -0.82 7.61 18.06
C LEU B 269 -1.09 7.16 16.62
N LEU B 270 -0.04 6.95 15.83
CA LEU B 270 -0.23 6.38 14.50
C LEU B 270 -0.93 5.04 14.60
N ARG B 271 -0.51 4.19 15.55
CA ARG B 271 -1.21 2.91 15.72
C ARG B 271 -2.69 3.14 16.02
N GLN B 272 -2.99 4.13 16.87
CA GLN B 272 -4.38 4.33 17.27
C GLN B 272 -5.25 4.89 16.16
N ARG B 273 -4.68 5.70 15.26
CA ARG B 273 -5.50 6.52 14.37
C ARG B 273 -5.05 6.58 12.91
N SER B 274 -3.81 6.21 12.54
CA SER B 274 -3.37 6.33 11.14
C SER B 274 -4.23 5.47 10.20
N ARG B 275 -4.93 6.11 9.27
CA ARG B 275 -5.92 5.40 8.48
C ARG B 275 -5.37 4.19 7.71
N PRO B 276 -4.24 4.25 7.01
CA PRO B 276 -3.76 3.01 6.38
C PRO B 276 -3.45 1.89 7.38
N TYR B 277 -2.96 2.22 8.57
CA TYR B 277 -2.61 1.19 9.56
C TYR B 277 -3.86 0.51 10.14
N LEU B 278 -4.91 1.28 10.43
CA LEU B 278 -6.16 0.67 10.91
C LEU B 278 -6.85 -0.10 9.80
N PHE B 279 -6.75 0.37 8.56
CA PHE B 279 -7.72 0.02 7.52
C PHE B 279 -7.10 -0.72 6.34
N SER B 280 -5.89 -1.20 6.45
CA SER B 280 -5.30 -1.91 5.32
C SER B 280 -4.42 -3.02 5.84
N ASN B 281 -4.32 -4.07 5.04
CA ASN B 281 -3.71 -5.32 5.46
C ASN B 281 -2.32 -5.10 6.09
N THR B 282 -2.03 -5.93 7.09
CA THR B 282 -0.72 -6.02 7.71
C THR B 282 0.30 -6.60 6.73
N VAL B 283 1.59 -6.31 6.98
CA VAL B 283 2.63 -6.81 6.11
C VAL B 283 2.75 -8.34 6.23
N ALA B 284 3.03 -8.98 5.10
CA ALA B 284 2.96 -10.43 5.03
C ALA B 284 4.11 -11.07 5.80
N PRO B 285 3.86 -12.21 6.49
CA PRO B 285 4.89 -12.78 7.38
C PRO B 285 6.22 -13.03 6.70
N ALA B 286 6.23 -13.46 5.45
CA ALA B 286 7.50 -13.66 4.75
C ALA B 286 8.30 -12.37 4.66
N ILE B 287 7.64 -11.24 4.37
CA ILE B 287 8.36 -9.98 4.19
C ILE B 287 8.97 -9.52 5.50
N VAL B 288 8.24 -9.63 6.60
CA VAL B 288 8.80 -9.23 7.90
C VAL B 288 9.98 -10.13 8.24
N GLY B 289 9.79 -11.44 8.06
CA GLY B 289 10.87 -12.39 8.33
C GLY B 289 12.13 -12.09 7.54
N ALA B 290 12.00 -11.98 6.22
CA ALA B 290 13.15 -11.60 5.40
C ALA B 290 13.69 -10.22 5.77
N SER B 291 12.81 -9.31 6.22
CA SER B 291 13.27 -7.99 6.65
C SER B 291 14.14 -8.07 7.89
N ILE B 292 13.76 -8.91 8.85
CA ILE B 292 14.58 -9.12 10.04
C ILE B 292 15.95 -9.67 9.65
N ALA B 293 16.00 -10.58 8.68
CA ALA B 293 17.28 -11.09 8.21
C ALA B 293 18.11 -10.01 7.50
N VAL B 294 17.46 -9.16 6.70
CA VAL B 294 18.18 -8.08 6.02
C VAL B 294 18.90 -7.19 7.03
N LEU B 295 18.27 -6.90 8.17
CA LEU B 295 18.94 -6.11 9.20
C LEU B 295 20.04 -6.92 9.88
N ASP B 296 19.90 -8.25 9.93
CA ASP B 296 20.99 -9.10 10.39
C ASP B 296 22.21 -8.93 9.50
N ILE B 297 22.01 -9.03 8.19
CA ILE B 297 23.10 -8.89 7.24
C ILE B 297 23.75 -7.51 7.36
N LEU B 298 22.93 -6.45 7.33
CA LEU B 298 23.48 -5.10 7.23
C LEU B 298 24.14 -4.66 8.53
N GLU B 299 23.68 -5.19 9.67
CA GLU B 299 24.30 -4.87 10.94
C GLU B 299 25.53 -5.71 11.23
N ALA B 300 25.81 -6.72 10.39
CA ALA B 300 26.99 -7.58 10.51
C ALA B 300 28.22 -7.02 9.81
N SER B 301 28.03 -6.29 8.71
CA SER B 301 29.14 -5.80 7.91
C SER B 301 28.60 -4.73 6.97
N THR B 302 29.47 -3.78 6.64
CA THR B 302 29.12 -2.70 5.71
C THR B 302 29.55 -2.99 4.27
N GLU B 303 29.89 -4.24 3.96
CA GLU B 303 30.55 -4.48 2.69
C GLU B 303 29.66 -4.09 1.50
N LEU B 304 28.38 -4.48 1.55
CA LEU B 304 27.50 -4.23 0.41
C LEU B 304 27.37 -2.75 0.10
N ARG B 305 26.95 -1.95 1.09
CA ARG B 305 26.88 -0.50 0.87
C ARG B 305 28.25 0.07 0.52
N ASP B 306 29.33 -0.61 0.95
CA ASP B 306 30.66 -0.15 0.61
C ASP B 306 30.99 -0.39 -0.86
N ARG B 307 30.49 -1.47 -1.46
CA ARG B 307 30.76 -1.65 -2.89
C ARG B 307 29.73 -0.96 -3.78
N LEU B 308 28.52 -0.70 -3.28
CA LEU B 308 27.66 0.27 -3.93
C LEU B 308 28.37 1.61 -4.10
N GLU B 309 29.06 2.06 -3.05
CA GLU B 309 29.78 3.33 -3.14
C GLU B 309 30.85 3.29 -4.21
N GLY B 310 31.56 2.16 -4.30
CA GLY B 310 32.58 2.04 -5.34
C GLY B 310 32.00 1.96 -6.74
N ASN B 311 30.94 1.16 -6.90
CA ASN B 311 30.32 1.08 -8.21
C ASN B 311 29.80 2.44 -8.65
N THR B 312 29.27 3.22 -7.71
CA THR B 312 28.74 4.55 -8.04
C THR B 312 29.85 5.49 -8.51
N ARG B 313 30.93 5.60 -7.73
CA ARG B 313 32.01 6.53 -8.09
C ARG B 313 32.66 6.13 -9.41
N PHE B 314 32.91 4.84 -9.60
CA PHE B 314 33.46 4.37 -10.86
C PHE B 314 32.55 4.77 -12.03
N PHE B 315 31.25 4.50 -11.89
CA PHE B 315 30.34 4.75 -13.00
C PHE B 315 30.04 6.23 -13.18
N ARG B 316 29.97 7.00 -12.08
CA ARG B 316 29.80 8.45 -12.22
C ARG B 316 31.00 9.07 -12.91
N ALA B 317 32.21 8.78 -12.40
CA ALA B 317 33.44 9.23 -13.05
C ALA B 317 33.55 8.72 -14.48
N GLY B 318 32.92 7.59 -14.81
CA GLY B 318 33.01 7.07 -16.16
C GLY B 318 32.18 7.88 -17.14
N LEU B 319 30.90 8.09 -16.82
CA LEU B 319 30.03 8.87 -17.71
C LEU B 319 30.51 10.30 -17.85
N ASP B 320 31.16 10.83 -16.80
CA ASP B 320 31.75 12.15 -16.88
C ASP B 320 32.80 12.22 -17.99
N ARG B 321 33.86 11.42 -17.87
CA ARG B 321 34.91 11.43 -18.88
C ARG B 321 34.41 10.98 -20.25
N LEU B 322 33.17 10.51 -20.36
CA LEU B 322 32.58 10.23 -21.67
C LEU B 322 31.92 11.46 -22.29
N GLY B 323 31.75 12.54 -21.53
CA GLY B 323 31.04 13.71 -22.01
C GLY B 323 29.69 13.95 -21.38
N PHE B 324 29.21 13.04 -20.52
CA PHE B 324 27.90 13.20 -19.90
C PHE B 324 27.95 14.26 -18.80
N ASP B 325 26.92 15.09 -18.74
CA ASP B 325 26.76 16.04 -17.63
C ASP B 325 26.40 15.23 -16.38
N VAL B 326 27.41 14.57 -15.83
CA VAL B 326 27.27 13.75 -14.65
C VAL B 326 28.39 14.11 -13.69
N LYS B 327 28.03 14.66 -12.53
CA LYS B 327 29.04 15.04 -11.57
C LYS B 327 29.67 13.79 -10.95
N ALA B 328 30.96 13.91 -10.61
CA ALA B 328 31.60 12.88 -9.81
C ALA B 328 31.00 12.86 -8.41
N GLY B 329 30.76 11.67 -7.89
CA GLY B 329 30.20 11.56 -6.56
C GLY B 329 29.79 10.14 -6.25
N ASP B 330 29.12 10.00 -5.11
CA ASP B 330 28.62 8.72 -4.61
C ASP B 330 27.10 8.76 -4.41
N HIS B 331 26.39 9.38 -5.34
CA HIS B 331 24.94 9.32 -5.38
C HIS B 331 24.53 8.14 -6.27
N PRO B 332 24.10 7.01 -5.68
CA PRO B 332 23.73 5.84 -6.50
C PRO B 332 22.69 6.15 -7.57
N ILE B 333 21.95 7.24 -7.44
CA ILE B 333 21.03 7.67 -8.49
C ILE B 333 21.79 8.60 -9.43
N ILE B 334 21.94 8.18 -10.68
CA ILE B 334 22.63 9.01 -11.67
C ILE B 334 21.63 9.46 -12.74
N PRO B 335 21.17 10.72 -12.69
CA PRO B 335 20.24 11.22 -13.70
C PRO B 335 20.96 11.56 -15.00
N ILE B 336 20.39 11.10 -16.11
CA ILE B 336 20.86 11.43 -17.45
C ILE B 336 19.75 12.24 -18.11
N MET B 337 19.90 13.56 -18.13
CA MET B 337 18.86 14.43 -18.68
C MET B 337 18.82 14.32 -20.19
N VAL B 338 17.60 14.40 -20.74
CA VAL B 338 17.33 14.17 -22.16
C VAL B 338 16.22 15.11 -22.63
N TYR B 339 15.39 15.57 -21.69
CA TYR B 339 14.38 16.61 -21.89
C TYR B 339 13.23 16.15 -22.79
N ASP B 340 13.51 15.80 -24.05
CA ASP B 340 12.47 15.29 -24.92
C ASP B 340 12.03 13.90 -24.44
N ALA B 341 10.73 13.67 -24.44
CA ALA B 341 10.22 12.37 -24.04
C ALA B 341 10.58 11.31 -25.08
N ASP B 342 10.34 11.62 -26.37
CA ASP B 342 10.68 10.68 -27.45
C ASP B 342 12.15 10.30 -27.41
N LYS B 343 13.03 11.29 -27.23
CA LYS B 343 14.46 11.04 -27.11
C LYS B 343 14.80 10.17 -25.90
N ALA B 344 13.94 10.14 -24.88
CA ALA B 344 14.18 9.32 -23.71
C ALA B 344 13.81 7.86 -23.96
N GLN B 345 12.72 7.64 -24.70
CA GLN B 345 12.36 6.28 -25.06
C GLN B 345 13.38 5.69 -26.02
N GLN B 346 13.86 6.50 -26.96
CA GLN B 346 14.89 6.06 -27.91
C GLN B 346 16.20 5.73 -27.21
N LEU B 347 16.63 6.55 -26.26
CA LEU B 347 17.87 6.24 -25.57
C LEU B 347 17.73 4.95 -24.77
N ALA B 348 16.57 4.75 -24.14
CA ALA B 348 16.35 3.53 -23.37
C ALA B 348 16.29 2.32 -24.29
N GLN B 349 15.63 2.47 -25.45
CA GLN B 349 15.54 1.40 -26.43
C GLN B 349 16.91 1.06 -27.01
N ARG B 350 17.65 2.06 -27.46
CA ARG B 350 18.96 1.81 -28.04
C ARG B 350 19.92 1.21 -27.00
N LEU B 351 19.80 1.61 -25.74
CA LEU B 351 20.65 1.00 -24.72
C LEU B 351 20.27 -0.45 -24.49
N LEU B 352 18.97 -0.76 -24.62
CA LEU B 352 18.54 -2.15 -24.54
C LEU B 352 19.23 -3.00 -25.59
N GLU B 353 19.13 -2.58 -26.87
CA GLU B 353 19.78 -3.31 -27.95
C GLU B 353 21.26 -3.49 -27.70
N LEU B 354 21.89 -2.55 -26.99
CA LEU B 354 23.30 -2.61 -26.61
C LEU B 354 23.53 -3.30 -25.28
N GLY B 355 22.52 -3.98 -24.73
CA GLY B 355 22.73 -4.84 -23.58
C GLY B 355 22.59 -4.20 -22.23
N VAL B 356 21.95 -3.03 -22.14
CA VAL B 356 21.75 -2.34 -20.86
C VAL B 356 20.27 -1.99 -20.76
N TYR B 357 19.69 -2.29 -19.60
CA TYR B 357 18.27 -2.10 -19.32
C TYR B 357 18.11 -0.81 -18.50
N VAL B 358 17.57 0.23 -19.14
CA VAL B 358 17.07 1.41 -18.44
C VAL B 358 15.75 1.81 -19.08
N VAL B 359 15.03 2.70 -18.42
CA VAL B 359 13.67 3.05 -18.84
C VAL B 359 13.56 4.57 -18.85
N GLY B 360 12.83 5.09 -19.84
CA GLY B 360 12.60 6.51 -19.92
C GLY B 360 11.81 7.03 -18.74
N PHE B 361 12.08 8.28 -18.36
CA PHE B 361 11.35 9.01 -17.34
C PHE B 361 10.75 10.23 -18.01
N PHE B 362 9.43 10.39 -17.93
CA PHE B 362 8.75 11.53 -18.52
C PHE B 362 7.43 11.76 -17.79
N TYR B 363 6.75 12.82 -18.20
CA TYR B 363 5.57 13.28 -17.50
C TYR B 363 4.50 12.19 -17.44
N PRO B 364 3.80 12.04 -16.30
CA PRO B 364 3.94 12.91 -15.13
C PRO B 364 4.99 12.47 -14.10
N VAL B 365 5.84 11.49 -14.45
CA VAL B 365 6.88 11.03 -13.52
C VAL B 365 7.90 12.14 -13.26
N VAL B 366 8.20 12.98 -14.26
CA VAL B 366 9.01 14.18 -14.11
C VAL B 366 8.27 15.31 -14.84
N PRO B 367 8.65 16.58 -14.66
CA PRO B 367 7.99 17.64 -15.43
C PRO B 367 8.08 17.44 -16.94
N LYS B 368 7.03 17.90 -17.63
CA LYS B 368 7.06 17.97 -19.08
C LYS B 368 8.31 18.72 -19.55
N GLY B 369 8.99 18.16 -20.54
CA GLY B 369 10.19 18.80 -21.05
C GLY B 369 11.44 18.62 -20.22
N GLN B 370 11.39 17.82 -19.17
CA GLN B 370 12.58 17.54 -18.37
C GLN B 370 12.80 16.04 -18.25
N ALA B 371 12.50 15.32 -19.33
CA ALA B 371 12.62 13.87 -19.39
C ALA B 371 14.05 13.41 -19.10
N ARG B 372 14.19 12.21 -18.55
CA ARG B 372 15.53 11.73 -18.26
C ARG B 372 15.56 10.20 -18.25
N ILE B 373 16.79 9.70 -18.22
CA ILE B 373 17.09 8.34 -17.83
C ILE B 373 17.59 8.45 -16.40
N ARG B 374 17.12 7.56 -15.54
CA ARG B 374 17.61 7.52 -14.18
C ARG B 374 18.42 6.23 -14.05
N VAL B 375 19.72 6.34 -14.33
CA VAL B 375 20.63 5.24 -14.01
C VAL B 375 20.60 5.03 -12.51
N GLN B 376 20.55 3.76 -12.09
CA GLN B 376 20.58 3.41 -10.66
C GLN B 376 21.60 2.32 -10.41
N MET B 377 22.53 2.58 -9.50
CA MET B 377 23.63 1.66 -9.24
C MET B 377 23.23 0.62 -8.21
N SER B 378 24.00 -0.46 -8.16
CA SER B 378 23.75 -1.53 -7.21
C SER B 378 25.09 -2.11 -6.77
N ALA B 379 25.09 -2.71 -5.57
CA ALA B 379 26.27 -3.41 -5.09
C ALA B 379 26.54 -4.69 -5.89
N LEU B 380 25.56 -5.17 -6.66
CA LEU B 380 25.73 -6.42 -7.40
C LEU B 380 26.74 -6.29 -8.54
N HIS B 381 26.80 -5.14 -9.19
CA HIS B 381 27.51 -5.05 -10.44
C HIS B 381 29.00 -5.31 -10.27
N ASP B 382 29.53 -6.21 -11.10
CA ASP B 382 30.96 -6.43 -11.27
C ASP B 382 31.51 -5.44 -12.31
N GLU B 383 32.84 -5.26 -12.26
CA GLU B 383 33.48 -4.28 -13.12
C GLU B 383 33.35 -4.61 -14.61
N ALA B 384 33.18 -5.89 -14.95
CA ALA B 384 33.00 -6.25 -16.36
C ALA B 384 31.63 -5.85 -16.87
N ALA B 385 30.63 -5.79 -15.98
CA ALA B 385 29.34 -5.27 -16.41
C ALA B 385 29.31 -3.75 -16.35
N LEU B 386 29.85 -3.19 -15.26
CA LEU B 386 30.04 -1.74 -15.19
C LEU B 386 30.78 -1.24 -16.42
N GLN B 387 31.83 -1.94 -16.85
CA GLN B 387 32.59 -1.49 -18.00
C GLN B 387 31.81 -1.67 -19.30
N ALA B 388 31.22 -2.85 -19.51
CA ALA B 388 30.37 -3.05 -20.68
C ALA B 388 29.20 -2.07 -20.69
N ALA B 389 28.73 -1.66 -19.50
CA ALA B 389 27.69 -0.64 -19.42
C ALA B 389 28.20 0.69 -19.97
N LEU B 390 29.32 1.17 -19.43
CA LEU B 390 29.91 2.43 -19.90
C LEU B 390 30.03 2.44 -21.42
N ASP B 391 30.49 1.33 -22.00
CA ASP B 391 30.60 1.22 -23.45
C ASP B 391 29.26 1.45 -24.13
N ALA B 392 28.19 0.92 -23.55
CA ALA B 392 26.86 1.10 -24.13
C ALA B 392 26.43 2.56 -24.05
N PHE B 393 26.86 3.25 -22.99
CA PHE B 393 26.45 4.63 -22.80
C PHE B 393 27.26 5.57 -23.67
N GLY B 394 28.55 5.30 -23.81
CA GLY B 394 29.36 6.07 -24.75
C GLY B 394 28.80 6.06 -26.16
N GLN B 395 28.32 4.90 -26.61
CA GLN B 395 27.92 4.74 -28.00
C GLN B 395 26.54 5.33 -28.25
N ALA B 396 25.54 4.87 -27.50
CA ALA B 396 24.20 5.42 -27.66
C ALA B 396 24.19 6.91 -27.34
N GLY B 397 25.02 7.33 -26.38
CA GLY B 397 25.22 8.75 -26.15
C GLY B 397 25.80 9.47 -27.35
N ARG B 398 26.78 8.84 -28.02
CA ARG B 398 27.30 9.41 -29.26
C ARG B 398 26.24 9.45 -30.34
N GLU B 399 25.49 8.34 -30.50
CA GLU B 399 24.57 8.23 -31.63
C GLU B 399 23.42 9.21 -31.53
N LEU B 400 23.06 9.65 -30.33
CA LEU B 400 21.86 10.46 -30.12
C LEU B 400 22.18 11.92 -29.78
N GLY B 401 23.32 12.43 -30.23
CA GLY B 401 23.63 13.81 -29.96
C GLY B 401 23.91 14.14 -28.51
N LEU B 402 23.95 13.14 -27.63
CA LEU B 402 24.16 13.39 -26.22
C LEU B 402 25.59 13.71 -25.86
N ILE B 403 26.55 13.27 -26.68
CA ILE B 403 27.97 13.56 -26.46
C ILE B 403 28.65 13.65 -27.82
#